data_4NYJ
#
_entry.id   4NYJ
#
_cell.length_a   185.338
_cell.length_b   185.338
_cell.length_c   179.535
_cell.angle_alpha   90.00
_cell.angle_beta   90.00
_cell.angle_gamma   90.00
#
_symmetry.space_group_name_H-M   'I 4 2 2'
#
loop_
_entity.id
_entity.type
_entity.pdbx_description
1 polymer 'GTPase HRas'
2 polymer 'GTPase HRas'
3 polymer 'Son of sevenless homolog 1'
4 non-polymer 'MAGNESIUM ION'
5 non-polymer 'PHOSPHOAMINOPHOSPHONIC ACID-GUANYLATE ESTER'
6 non-polymer N-[1-(1H-indol-3-ylmethyl)piperidin-4-yl]glycinamide
7 water water
#
loop_
_entity_poly.entity_id
_entity_poly.type
_entity_poly.pdbx_seq_one_letter_code
_entity_poly.pdbx_strand_id
1 'polypeptide(L)'
;MTEYKLVVVGAGGVGKSALTIQLIQNHFVDEYDPTIEDSYRKQVVIDGETCLLDILDTAGQEEASAMRDQYMRTGEGFLC
VFAINNTKSFEDIHQYREQIKRVKDSDDVPMVLVGNKCDLAARTVESRQAQDLARSYGIPYIETSAKTRQGVEDAFYTLV
REIRQH
;
Q
2 'polypeptide(L)'
;MTEYKLVVVGAGGVGKSALTIQLIQNHFVDEYDPTIEDSYRKQVVIDGETCLLDILDTAGQEEYSAMRDQYMRTGEGFLC
VFAINNTKSFEDIHQYREQIKRVKDSDDVPMVLVGNKCDLAARTVESRQAQDLARSYGIPYIETSAKTRQGVEDAFYTLV
REIRQH
;
R
3 'polypeptide(L)'
;QMRLPSADVYRFAEPDSEENIIFEENMQPKAGIPIIKAGTVIKLIERLTYHMYADPNFVRTFLTTYRSFCKPQELLSLII
ERFEIPEPEPTEADRIAIENGDQPLSAELKRFRKEYIQPVQLRVLNVCRHWVEHHFYDFERDAYLLQRMEEFIGTVRGKA
MKKWVESITKIIQRKKIARDNGPGHNITFQSSPPTVEWHISRPGHIETFDLLTLHPIEIARQLTLLESDLYRAVQPSELV
GSVWTKEDKEINSPNLLKMIRHTTNLTLWFEKCIVETENLEERVAVVSRIIEILQVFQELNNFNGVLEVVSAMNSSPVYR
LDHTFEQIPSRQKKILEEAHELSEDHYKKYLAKLRSINPPCVPFFGIYLTNILKTEEGNPEVLKRHGKELINFSKRRKVA
EITGEIQQYQNQPYCLRVESDIKRFFENLNPMGNSMEKEFTDYLFNKSLEIEPRNPKPLPRFPKKYSYPLKSPGVRPSNP
R
;
S
#
# COMPACT_ATOMS: atom_id res chain seq x y z
N MET A 1 -7.07 15.75 -4.52
CA MET A 1 -8.33 15.09 -4.82
C MET A 1 -9.29 15.08 -3.63
N THR A 2 -10.58 15.20 -3.94
CA THR A 2 -11.63 15.20 -2.94
C THR A 2 -11.91 13.79 -2.42
N GLU A 3 -12.22 13.69 -1.13
CA GLU A 3 -12.65 12.44 -0.55
C GLU A 3 -14.14 12.49 -0.23
N TYR A 4 -14.85 11.39 -0.49
CA TYR A 4 -16.28 11.30 -0.24
C TYR A 4 -16.58 10.15 0.68
N LYS A 5 -17.31 10.40 1.74
CA LYS A 5 -17.69 9.36 2.68
C LYS A 5 -19.06 8.80 2.39
N LEU A 6 -19.15 7.64 1.75
CA LEU A 6 -20.44 7.02 1.44
C LEU A 6 -20.77 5.98 2.49
N VAL A 7 -22.06 5.79 2.73
CA VAL A 7 -22.53 4.80 3.67
C VAL A 7 -23.63 3.98 3.02
N VAL A 8 -23.48 2.66 3.05
CA VAL A 8 -24.48 1.75 2.51
C VAL A 8 -25.37 1.19 3.64
N VAL A 9 -26.68 1.43 3.59
CA VAL A 9 -27.59 1.01 4.66
C VAL A 9 -28.76 0.17 4.15
N GLY A 10 -29.44 -0.54 5.03
CA GLY A 10 -30.53 -1.39 4.60
C GLY A 10 -30.67 -2.64 5.46
N ALA A 11 -31.79 -3.34 5.31
CA ALA A 11 -32.06 -4.54 6.09
C ALA A 11 -30.99 -5.59 5.87
N GLY A 12 -30.99 -6.64 6.69
CA GLY A 12 -30.02 -7.70 6.50
C GLY A 12 -30.35 -8.58 5.33
N GLY A 13 -29.35 -8.89 4.52
CA GLY A 13 -29.53 -9.86 3.45
C GLY A 13 -29.88 -9.26 2.11
N VAL A 14 -29.94 -7.93 2.04
CA VAL A 14 -30.37 -7.26 0.81
C VAL A 14 -29.23 -7.14 -0.19
N GLY A 15 -27.99 -7.29 0.26
CA GLY A 15 -26.87 -7.30 -0.64
C GLY A 15 -25.93 -6.12 -0.50
N LYS A 16 -25.99 -5.40 0.61
CA LYS A 16 -25.11 -4.25 0.82
C LYS A 16 -23.64 -4.61 0.66
N SER A 17 -23.25 -5.76 1.16
CA SER A 17 -21.84 -6.13 1.12
C SER A 17 -21.49 -6.61 -0.26
N ALA A 18 -22.42 -7.33 -0.89
CA ALA A 18 -22.20 -7.85 -2.23
C ALA A 18 -22.03 -6.73 -3.24
N LEU A 19 -22.83 -5.68 -3.11
CA LEU A 19 -22.69 -4.51 -3.98
C LEU A 19 -21.33 -3.87 -3.82
N THR A 20 -20.93 -3.65 -2.57
CA THR A 20 -19.68 -2.95 -2.33
C THR A 20 -18.47 -3.77 -2.80
N ILE A 21 -18.47 -5.07 -2.55
CA ILE A 21 -17.35 -5.88 -3.03
C ILE A 21 -17.34 -5.99 -4.57
N GLN A 22 -18.50 -6.07 -5.19
CA GLN A 22 -18.62 -5.98 -6.64
C GLN A 22 -18.03 -4.68 -7.18
N LEU A 23 -18.41 -3.55 -6.59
CA LEU A 23 -17.83 -2.27 -6.98
C LEU A 23 -16.31 -2.21 -6.82
N ILE A 24 -15.84 -2.58 -5.63
CA ILE A 24 -14.43 -2.50 -5.27
C ILE A 24 -13.54 -3.54 -5.96
N GLN A 25 -14.03 -4.77 -6.11
CA GLN A 25 -13.17 -5.88 -6.52
C GLN A 25 -13.63 -6.65 -7.75
N ASN A 26 -14.76 -6.25 -8.34
CA ASN A 26 -15.30 -6.89 -9.54
C ASN A 26 -15.58 -8.38 -9.34
N HIS A 27 -16.00 -8.72 -8.13
CA HIS A 27 -16.12 -10.09 -7.68
C HIS A 27 -17.46 -10.26 -6.94
N PHE A 28 -18.18 -11.35 -7.19
CA PHE A 28 -19.48 -11.55 -6.52
C PHE A 28 -19.38 -12.58 -5.39
N VAL A 29 -19.74 -12.14 -4.17
CA VAL A 29 -19.66 -13.01 -2.99
C VAL A 29 -20.93 -13.83 -2.79
N ASP A 30 -20.80 -15.15 -2.82
CA ASP A 30 -21.98 -16.00 -2.72
C ASP A 30 -22.39 -16.33 -1.27
N GLU A 31 -21.43 -16.32 -0.35
CA GLU A 31 -21.73 -16.58 1.05
C GLU A 31 -22.46 -15.43 1.72
N TYR A 32 -23.24 -15.76 2.75
CA TYR A 32 -23.94 -14.76 3.52
C TYR A 32 -23.29 -14.71 4.90
N ASP A 33 -22.34 -13.79 5.04
CA ASP A 33 -21.66 -13.49 6.29
C ASP A 33 -22.09 -12.13 6.80
N PRO A 34 -22.98 -12.10 7.80
CA PRO A 34 -23.46 -10.87 8.44
C PRO A 34 -22.37 -9.87 8.79
N THR A 35 -22.52 -8.65 8.33
CA THR A 35 -21.58 -7.57 8.59
C THR A 35 -21.81 -6.97 9.98
N ILE A 36 -20.74 -6.58 10.63
CA ILE A 36 -20.83 -5.75 11.82
C ILE A 36 -20.52 -4.32 11.40
N GLU A 37 -19.31 -4.08 10.89
CA GLU A 37 -18.95 -2.82 10.22
C GLU A 37 -17.67 -2.99 9.42
N ASP A 38 -17.77 -2.84 8.09
CA ASP A 38 -16.61 -2.95 7.18
C ASP A 38 -16.33 -1.62 6.50
N SER A 39 -15.06 -1.37 6.19
CA SER A 39 -14.65 -0.14 5.50
C SER A 39 -13.87 -0.43 4.21
N TYR A 40 -14.06 0.41 3.19
CA TYR A 40 -13.35 0.26 1.90
C TYR A 40 -12.94 1.59 1.31
N ARG A 41 -11.93 1.59 0.45
CA ARG A 41 -11.49 2.80 -0.24
C ARG A 41 -11.37 2.55 -1.74
N LYS A 42 -11.74 3.52 -2.55
CA LYS A 42 -11.67 3.34 -3.99
C LYS A 42 -11.32 4.63 -4.67
N GLN A 43 -10.20 4.63 -5.39
CA GLN A 43 -9.86 5.80 -6.19
C GLN A 43 -10.51 5.61 -7.54
N VAL A 44 -11.23 6.63 -7.98
CA VAL A 44 -12.02 6.51 -9.19
C VAL A 44 -12.18 7.86 -9.88
N VAL A 45 -12.31 7.86 -11.20
CA VAL A 45 -12.50 9.10 -11.93
C VAL A 45 -13.93 9.23 -12.41
N ILE A 46 -14.60 10.27 -11.90
CA ILE A 46 -16.02 10.52 -12.16
C ILE A 46 -16.19 11.88 -12.80
N ASP A 47 -16.87 11.92 -13.96
CA ASP A 47 -17.11 13.17 -14.70
C ASP A 47 -15.84 14.01 -14.87
N GLY A 48 -14.74 13.32 -15.16
CA GLY A 48 -13.47 13.98 -15.39
C GLY A 48 -12.65 14.37 -14.17
N GLU A 49 -13.20 14.20 -12.97
CA GLU A 49 -12.47 14.54 -11.75
C GLU A 49 -12.05 13.29 -10.98
N THR A 50 -10.92 13.36 -10.30
CA THR A 50 -10.42 12.23 -9.52
C THR A 50 -10.82 12.37 -8.06
N CYS A 51 -11.45 11.34 -7.54
CA CYS A 51 -11.85 11.36 -6.13
C CYS A 51 -11.60 10.05 -5.40
N LEU A 52 -11.44 10.16 -4.09
CA LEU A 52 -11.25 9.02 -3.22
C LEU A 52 -12.56 8.68 -2.50
N LEU A 53 -13.12 7.52 -2.80
CA LEU A 53 -14.33 7.05 -2.16
C LEU A 53 -14.05 6.30 -0.89
N ASP A 54 -14.59 6.76 0.22
CA ASP A 54 -14.51 6.04 1.49
C ASP A 54 -15.85 5.38 1.77
N ILE A 55 -15.95 4.10 1.52
CA ILE A 55 -17.24 3.41 1.65
C ILE A 55 -17.37 2.65 2.96
N LEU A 56 -18.44 2.93 3.68
CA LEU A 56 -18.72 2.20 4.91
C LEU A 56 -19.92 1.25 4.72
N ASP A 57 -19.65 -0.03 4.88
CA ASP A 57 -20.65 -1.08 4.78
C ASP A 57 -21.20 -1.44 6.18
N THR A 58 -22.51 -1.31 6.38
CA THR A 58 -23.05 -1.37 7.73
C THR A 58 -23.79 -2.68 8.00
N ALA A 59 -24.15 -2.89 9.27
CA ALA A 59 -24.91 -4.05 9.70
C ALA A 59 -26.40 -3.86 9.44
N GLY A 60 -27.04 -4.89 8.91
CA GLY A 60 -28.47 -4.83 8.66
C GLY A 60 -29.28 -5.61 9.66
N GLN A 61 -28.64 -6.57 10.33
CA GLN A 61 -29.31 -7.35 11.37
C GLN A 61 -29.82 -6.45 12.49
N GLU A 62 -31.01 -6.75 13.00
CA GLU A 62 -31.67 -5.92 13.99
C GLU A 62 -30.93 -5.85 15.33
N GLU A 63 -30.11 -6.85 15.62
CA GLU A 63 -29.30 -6.89 16.84
C GLU A 63 -28.37 -5.68 17.00
N ALA A 64 -27.98 -5.09 15.88
CA ALA A 64 -27.03 -3.97 15.86
C ALA A 64 -27.70 -2.62 15.58
N SER A 65 -29.01 -2.55 15.82
CA SER A 65 -29.81 -1.37 15.51
C SER A 65 -29.58 -0.17 16.46
N ALA A 66 -28.89 -0.41 17.57
CA ALA A 66 -28.62 0.66 18.51
C ALA A 66 -27.26 1.34 18.23
N MET A 67 -26.58 0.88 17.19
CA MET A 67 -25.22 1.38 16.89
C MET A 67 -25.14 2.12 15.56
N ARG A 68 -26.23 2.76 15.15
CA ARG A 68 -26.29 3.45 13.87
C ARG A 68 -25.95 4.95 13.94
N ASP A 69 -26.34 5.61 15.02
CA ASP A 69 -26.17 7.05 15.11
C ASP A 69 -24.71 7.45 14.88
N GLN A 70 -23.81 6.58 15.30
CA GLN A 70 -22.39 6.92 15.23
C GLN A 70 -21.88 7.01 13.78
N TYR A 71 -22.33 6.11 12.90
CA TYR A 71 -21.91 6.18 11.50
C TYR A 71 -22.73 7.11 10.60
N MET A 72 -23.97 7.37 10.98
CA MET A 72 -24.81 8.30 10.23
C MET A 72 -24.36 9.74 10.45
N ARG A 73 -23.57 9.97 11.49
CA ARG A 73 -23.14 11.31 11.80
C ARG A 73 -22.00 11.72 10.87
N THR A 74 -21.14 10.76 10.54
CA THR A 74 -19.95 11.04 9.73
C THR A 74 -20.18 10.99 8.21
N GLY A 75 -21.10 10.15 7.76
CA GLY A 75 -21.33 9.94 6.34
C GLY A 75 -21.86 11.15 5.59
N GLU A 76 -21.40 11.34 4.35
CA GLU A 76 -21.80 12.50 3.55
C GLU A 76 -22.95 12.16 2.59
N GLY A 77 -23.09 10.88 2.26
CA GLY A 77 -24.18 10.46 1.41
C GLY A 77 -24.52 9.03 1.72
N PHE A 78 -25.75 8.62 1.43
CA PHE A 78 -26.21 7.32 1.87
C PHE A 78 -26.81 6.54 0.73
N LEU A 79 -26.40 5.28 0.62
CA LEU A 79 -26.96 4.38 -0.37
C LEU A 79 -27.98 3.46 0.29
N CYS A 80 -29.26 3.74 0.07
CA CYS A 80 -30.33 3.00 0.75
C CYS A 80 -30.78 1.80 -0.06
N VAL A 81 -30.40 0.62 0.41
CA VAL A 81 -30.57 -0.62 -0.34
C VAL A 81 -31.72 -1.47 0.16
N PHE A 82 -32.45 -2.08 -0.77
CA PHE A 82 -33.44 -3.09 -0.42
C PHE A 82 -33.39 -4.12 -1.52
N ALA A 83 -33.98 -5.29 -1.30
CA ALA A 83 -33.96 -6.33 -2.32
C ALA A 83 -35.34 -6.47 -2.96
N ILE A 84 -35.39 -6.59 -4.28
CA ILE A 84 -36.68 -6.56 -4.96
C ILE A 84 -37.49 -7.84 -4.76
N ASN A 85 -36.89 -8.88 -4.18
CA ASN A 85 -37.66 -10.08 -3.86
C ASN A 85 -38.02 -10.14 -2.39
N ASN A 86 -37.95 -8.99 -1.73
CA ASN A 86 -38.15 -8.92 -0.30
C ASN A 86 -38.96 -7.70 0.09
N THR A 87 -40.26 -7.88 0.26
CA THR A 87 -41.14 -6.77 0.58
C THR A 87 -40.80 -6.14 1.92
N LYS A 88 -40.34 -6.96 2.85
CA LYS A 88 -40.11 -6.46 4.21
C LYS A 88 -38.94 -5.50 4.23
N SER A 89 -37.95 -5.74 3.38
CA SER A 89 -36.78 -4.88 3.28
C SER A 89 -37.10 -3.55 2.64
N PHE A 90 -38.08 -3.55 1.75
CA PHE A 90 -38.55 -2.30 1.16
C PHE A 90 -39.31 -1.49 2.18
N GLU A 91 -40.14 -2.14 2.98
CA GLU A 91 -40.88 -1.44 4.04
C GLU A 91 -39.96 -0.87 5.11
N ASP A 92 -38.78 -1.46 5.27
CA ASP A 92 -37.82 -1.01 6.27
C ASP A 92 -37.09 0.25 5.82
N ILE A 93 -37.08 0.50 4.51
CA ILE A 93 -36.35 1.66 3.94
C ILE A 93 -36.80 2.99 4.53
N HIS A 94 -38.11 3.11 4.75
N HIS A 94 -38.10 3.13 4.78
CA HIS A 94 -38.71 4.31 5.31
CA HIS A 94 -38.60 4.42 5.27
C HIS A 94 -38.01 4.68 6.62
C HIS A 94 -38.09 4.71 6.68
N GLN A 95 -37.73 3.65 7.42
CA GLN A 95 -37.16 3.82 8.75
C GLN A 95 -35.71 4.30 8.73
N TYR A 96 -34.92 3.84 7.76
CA TYR A 96 -33.55 4.34 7.61
C TYR A 96 -33.52 5.80 7.22
N ARG A 97 -34.34 6.18 6.25
N ARG A 97 -34.34 6.18 6.24
CA ARG A 97 -34.39 7.55 5.79
CA ARG A 97 -34.42 7.56 5.79
C ARG A 97 -34.79 8.49 6.93
C ARG A 97 -34.73 8.51 6.93
N GLU A 98 -35.72 8.05 7.76
N GLU A 98 -35.71 8.18 7.77
CA GLU A 98 -36.20 8.85 8.87
CA GLU A 98 -36.09 9.06 8.86
C GLU A 98 -35.11 9.08 9.92
C GLU A 98 -35.01 9.16 9.91
N GLN A 99 -34.35 8.04 10.21
CA GLN A 99 -33.30 8.07 11.21
C GLN A 99 -32.12 8.93 10.76
N ILE A 100 -31.78 8.86 9.48
CA ILE A 100 -30.72 9.69 8.93
C ILE A 100 -31.11 11.15 9.04
N LYS A 101 -32.29 11.49 8.52
CA LYS A 101 -32.80 12.85 8.59
C LYS A 101 -32.73 13.43 10.01
N ARG A 102 -33.06 12.62 11.00
CA ARG A 102 -33.02 13.05 12.37
C ARG A 102 -31.60 13.30 12.86
N VAL A 103 -30.75 12.30 12.71
CA VAL A 103 -29.37 12.36 13.20
C VAL A 103 -28.59 13.52 12.58
N LYS A 104 -28.76 13.72 11.29
CA LYS A 104 -28.02 14.77 10.59
C LYS A 104 -28.75 16.11 10.67
N ASP A 105 -29.94 16.10 11.27
CA ASP A 105 -30.80 17.27 11.42
C ASP A 105 -30.91 18.08 10.13
N SER A 106 -31.15 17.38 9.03
CA SER A 106 -31.35 18.04 7.75
C SER A 106 -32.42 17.31 6.97
N ASP A 107 -33.09 18.04 6.09
CA ASP A 107 -34.09 17.47 5.19
C ASP A 107 -33.52 17.26 3.80
N ASP A 108 -32.25 17.66 3.62
CA ASP A 108 -31.58 17.59 2.31
C ASP A 108 -30.29 16.77 2.35
N VAL A 109 -30.41 15.48 2.65
CA VAL A 109 -29.25 14.62 2.73
C VAL A 109 -29.11 13.87 1.42
N PRO A 110 -27.89 13.87 0.84
CA PRO A 110 -27.66 13.16 -0.42
C PRO A 110 -27.91 11.67 -0.28
N MET A 111 -28.89 11.12 -0.99
CA MET A 111 -28.98 9.69 -1.03
C MET A 111 -29.57 9.15 -2.31
N VAL A 112 -29.49 7.85 -2.45
CA VAL A 112 -29.94 7.15 -3.63
C VAL A 112 -30.67 5.91 -3.15
N LEU A 113 -31.79 5.60 -3.77
CA LEU A 113 -32.55 4.41 -3.43
C LEU A 113 -32.10 3.31 -4.37
N VAL A 114 -31.63 2.19 -3.81
CA VAL A 114 -31.11 1.08 -4.61
C VAL A 114 -31.95 -0.16 -4.39
N GLY A 115 -32.45 -0.74 -5.47
CA GLY A 115 -33.25 -1.95 -5.37
C GLY A 115 -32.46 -3.09 -5.96
N ASN A 116 -31.91 -3.95 -5.09
CA ASN A 116 -30.92 -4.92 -5.49
C ASN A 116 -31.52 -6.27 -5.84
N LYS A 117 -30.69 -7.15 -6.39
CA LYS A 117 -31.05 -8.50 -6.80
C LYS A 117 -31.98 -8.51 -7.99
N CYS A 118 -31.73 -7.61 -8.94
CA CYS A 118 -32.56 -7.48 -10.13
C CYS A 118 -32.23 -8.55 -11.19
N ASP A 119 -31.26 -9.41 -10.88
CA ASP A 119 -30.91 -10.54 -11.75
C ASP A 119 -31.88 -11.70 -11.55
N LEU A 120 -32.63 -11.67 -10.45
CA LEU A 120 -33.63 -12.69 -10.18
C LEU A 120 -34.96 -12.40 -10.87
N ALA A 121 -35.68 -13.45 -11.21
CA ALA A 121 -36.99 -13.30 -11.83
C ALA A 121 -38.09 -13.04 -10.80
N ALA A 122 -38.08 -13.79 -9.70
CA ALA A 122 -39.16 -13.75 -8.72
C ALA A 122 -39.21 -12.43 -7.95
N ARG A 123 -39.72 -11.39 -8.59
CA ARG A 123 -39.80 -10.06 -8.02
C ARG A 123 -41.11 -9.78 -7.26
N THR A 124 -41.02 -9.22 -6.05
CA THR A 124 -42.24 -8.94 -5.27
C THR A 124 -42.43 -7.47 -4.93
N VAL A 125 -41.45 -6.63 -5.24
CA VAL A 125 -41.61 -5.18 -5.17
C VAL A 125 -41.62 -4.64 -6.60
N GLU A 126 -42.60 -3.81 -6.95
CA GLU A 126 -42.66 -3.35 -8.33
C GLU A 126 -41.90 -2.03 -8.50
N SER A 127 -41.28 -1.86 -9.67
CA SER A 127 -40.47 -0.67 -9.94
C SER A 127 -41.27 0.59 -9.66
N ARG A 128 -42.51 0.61 -10.13
CA ARG A 128 -43.43 1.73 -9.93
C ARG A 128 -43.52 2.13 -8.46
N GLN A 129 -43.65 1.14 -7.59
CA GLN A 129 -43.83 1.36 -6.16
C GLN A 129 -42.56 1.95 -5.54
N ALA A 130 -41.42 1.42 -5.96
CA ALA A 130 -40.14 1.91 -5.47
C ALA A 130 -39.87 3.31 -5.98
N GLN A 131 -40.14 3.50 -7.26
CA GLN A 131 -39.96 4.79 -7.91
C GLN A 131 -40.85 5.87 -7.27
N ASP A 132 -42.08 5.52 -6.91
CA ASP A 132 -43.01 6.44 -6.22
C ASP A 132 -42.41 6.94 -4.91
N LEU A 133 -41.78 6.03 -4.20
CA LEU A 133 -41.13 6.37 -2.94
C LEU A 133 -39.93 7.30 -3.16
N ALA A 134 -39.16 7.02 -4.20
CA ALA A 134 -37.96 7.80 -4.49
C ALA A 134 -38.32 9.24 -4.84
N ARG A 135 -39.34 9.42 -5.65
CA ARG A 135 -39.79 10.77 -5.99
C ARG A 135 -40.26 11.58 -4.77
N SER A 136 -40.88 10.93 -3.80
CA SER A 136 -41.37 11.64 -2.63
C SER A 136 -40.23 12.04 -1.73
N TYR A 137 -39.08 11.37 -1.86
CA TYR A 137 -37.90 11.78 -1.14
C TYR A 137 -37.08 12.77 -1.94
N GLY A 138 -37.36 12.81 -3.24
CA GLY A 138 -36.68 13.69 -4.17
C GLY A 138 -35.32 13.15 -4.56
N ILE A 139 -35.22 11.83 -4.69
CA ILE A 139 -33.95 11.18 -4.96
C ILE A 139 -34.08 10.17 -6.08
N PRO A 140 -32.98 9.85 -6.76
CA PRO A 140 -33.06 8.88 -7.85
C PRO A 140 -33.24 7.44 -7.38
N TYR A 141 -33.87 6.62 -8.20
CA TYR A 141 -33.99 5.20 -7.93
C TYR A 141 -33.23 4.36 -8.96
N ILE A 142 -32.42 3.42 -8.51
CA ILE A 142 -31.61 2.62 -9.42
C ILE A 142 -31.63 1.14 -9.05
N GLU A 143 -31.93 0.27 -10.01
CA GLU A 143 -31.94 -1.17 -9.76
C GLU A 143 -30.60 -1.79 -10.13
N THR A 144 -30.14 -2.71 -9.29
CA THR A 144 -28.78 -3.20 -9.42
C THR A 144 -28.74 -4.69 -9.20
N SER A 145 -27.72 -5.32 -9.74
CA SER A 145 -27.40 -6.68 -9.34
C SER A 145 -25.93 -6.78 -8.99
N ALA A 146 -25.63 -7.36 -7.85
CA ALA A 146 -24.25 -7.47 -7.45
C ALA A 146 -23.64 -8.67 -8.14
N LYS A 147 -24.49 -9.54 -8.65
CA LYS A 147 -24.09 -10.76 -9.35
C LYS A 147 -23.70 -10.50 -10.78
N THR A 148 -24.48 -9.67 -11.48
CA THR A 148 -24.22 -9.40 -12.90
C THR A 148 -23.62 -8.02 -13.13
N ARG A 149 -23.38 -7.30 -12.05
CA ARG A 149 -22.81 -5.96 -12.09
C ARG A 149 -23.72 -4.91 -12.75
N GLN A 150 -24.95 -5.28 -13.08
CA GLN A 150 -25.93 -4.32 -13.56
C GLN A 150 -26.15 -3.19 -12.58
N GLY A 151 -26.07 -1.95 -13.07
CA GLY A 151 -26.41 -0.78 -12.28
C GLY A 151 -25.48 -0.39 -11.14
N VAL A 152 -24.49 -1.23 -10.85
CA VAL A 152 -23.65 -1.00 -9.67
C VAL A 152 -22.87 0.31 -9.75
N GLU A 153 -22.15 0.55 -10.84
CA GLU A 153 -21.40 1.80 -10.98
C GLU A 153 -22.37 2.97 -10.99
N ASP A 154 -23.49 2.79 -11.68
CA ASP A 154 -24.49 3.81 -11.82
C ASP A 154 -24.98 4.32 -10.46
N ALA A 155 -25.25 3.39 -9.55
CA ALA A 155 -25.72 3.76 -8.23
C ALA A 155 -24.67 4.53 -7.40
N PHE A 156 -23.46 4.00 -7.28
CA PHE A 156 -22.45 4.67 -6.48
C PHE A 156 -22.02 6.00 -7.10
N TYR A 157 -22.00 6.06 -8.42
CA TYR A 157 -21.46 7.27 -9.04
C TYR A 157 -22.52 8.35 -9.04
N THR A 158 -23.78 7.95 -9.15
CA THR A 158 -24.88 8.88 -9.01
C THR A 158 -24.85 9.56 -7.64
N LEU A 159 -24.71 8.75 -6.60
CA LEU A 159 -24.63 9.29 -5.24
C LEU A 159 -23.49 10.29 -5.10
N VAL A 160 -22.33 9.99 -5.70
CA VAL A 160 -21.19 10.91 -5.65
C VAL A 160 -21.49 12.23 -6.34
N ARG A 161 -22.20 12.20 -7.47
CA ARG A 161 -22.62 13.42 -8.14
C ARG A 161 -23.52 14.29 -7.26
N GLU A 162 -24.30 13.65 -6.41
CA GLU A 162 -25.18 14.39 -5.52
C GLU A 162 -24.43 15.07 -4.38
N ILE A 163 -23.45 14.39 -3.80
CA ILE A 163 -22.60 15.02 -2.79
C ILE A 163 -21.82 16.19 -3.37
N ARG A 164 -21.48 16.10 -4.64
N ARG A 164 -21.46 16.09 -4.63
CA ARG A 164 -20.70 17.14 -5.30
CA ARG A 164 -20.72 17.16 -5.30
C ARG A 164 -21.57 18.38 -5.53
C ARG A 164 -21.60 18.39 -5.44
N GLN A 165 -22.84 18.15 -5.85
CA GLN A 165 -23.77 19.25 -6.11
C GLN A 165 -24.54 19.66 -4.86
N HIS A 166 -24.05 19.26 -3.71
CA HIS A 166 -24.64 19.65 -2.43
C HIS A 166 -24.10 21.05 -2.07
N MET B 1 21.04 30.74 -3.89
CA MET B 1 22.07 29.97 -3.18
C MET B 1 22.24 28.60 -3.80
N THR B 2 23.43 28.03 -3.64
CA THR B 2 23.77 26.77 -4.29
C THR B 2 23.01 25.59 -3.65
N GLU B 3 22.60 24.67 -4.52
CA GLU B 3 21.98 23.42 -4.09
C GLU B 3 22.89 22.24 -4.40
N TYR B 4 23.22 21.45 -3.38
CA TYR B 4 24.04 20.27 -3.60
C TYR B 4 23.16 19.04 -3.57
N LYS B 5 23.33 18.15 -4.54
CA LYS B 5 22.56 16.92 -4.54
C LYS B 5 23.44 15.78 -4.06
N LEU B 6 23.17 15.32 -2.85
CA LEU B 6 23.95 14.26 -2.27
C LEU B 6 23.18 12.95 -2.37
N VAL B 7 23.91 11.87 -2.62
CA VAL B 7 23.29 10.56 -2.67
C VAL B 7 23.90 9.66 -1.60
N VAL B 8 23.08 9.00 -0.81
CA VAL B 8 23.59 8.03 0.16
C VAL B 8 23.49 6.64 -0.44
N VAL B 9 24.60 5.90 -0.45
CA VAL B 9 24.60 4.54 -0.98
C VAL B 9 25.23 3.57 0.02
N GLY B 10 24.92 2.29 -0.12
CA GLY B 10 25.44 1.30 0.80
C GLY B 10 24.48 0.15 1.04
N ALA B 11 24.97 -0.88 1.71
CA ALA B 11 24.20 -2.09 1.94
C ALA B 11 22.95 -1.85 2.80
N GLY B 12 21.90 -2.61 2.55
CA GLY B 12 20.69 -2.48 3.33
C GLY B 12 20.63 -3.40 4.53
N GLY B 13 19.72 -3.11 5.46
CA GLY B 13 19.50 -3.93 6.63
C GLY B 13 20.41 -3.63 7.80
N VAL B 14 21.18 -2.54 7.69
CA VAL B 14 22.18 -2.21 8.71
C VAL B 14 22.12 -0.74 9.16
N GLY B 15 20.95 -0.12 9.03
CA GLY B 15 20.73 1.19 9.62
C GLY B 15 21.24 2.39 8.86
N LYS B 16 21.45 2.22 7.57
CA LYS B 16 21.86 3.31 6.69
C LYS B 16 20.95 4.54 6.78
N SER B 17 19.64 4.32 6.85
CA SER B 17 18.68 5.42 6.80
C SER B 17 18.74 6.37 8.01
N ALA B 18 19.46 5.96 9.05
CA ALA B 18 19.56 6.77 10.26
C ALA B 18 20.26 8.08 10.00
N LEU B 19 21.19 8.05 9.05
CA LEU B 19 21.99 9.21 8.69
C LEU B 19 21.18 10.42 8.24
N THR B 20 20.47 10.27 7.14
CA THR B 20 19.61 11.34 6.65
C THR B 20 18.51 11.73 7.63
N ILE B 21 17.89 10.75 8.27
CA ILE B 21 16.84 11.04 9.23
C ILE B 21 17.38 11.91 10.34
N GLN B 22 18.49 11.50 10.96
CA GLN B 22 19.05 12.26 12.07
C GLN B 22 19.51 13.64 11.65
N LEU B 23 20.00 13.74 10.43
CA LEU B 23 20.36 15.03 9.89
C LEU B 23 19.18 15.98 9.85
N ILE B 24 18.15 15.59 9.11
CA ILE B 24 16.96 16.40 8.87
C ILE B 24 16.07 16.55 10.10
N GLN B 25 15.70 15.42 10.70
CA GLN B 25 14.68 15.43 11.74
C GLN B 25 15.01 16.47 12.78
N ASN B 26 13.99 17.24 13.12
CA ASN B 26 14.01 18.13 14.26
C ASN B 26 14.64 17.35 15.41
N HIS B 27 15.98 17.37 15.43
CA HIS B 27 16.75 16.45 16.26
C HIS B 27 16.65 16.78 17.74
N PHE B 28 15.51 17.30 18.16
CA PHE B 28 15.24 17.56 19.56
C PHE B 28 13.84 17.06 19.91
N VAL B 29 13.19 16.44 18.93
CA VAL B 29 11.90 15.76 19.11
C VAL B 29 11.92 14.64 18.04
N ASP B 30 10.86 13.85 17.89
CA ASP B 30 10.98 12.70 17.00
C ASP B 30 9.86 12.45 15.95
N GLU B 31 8.68 13.07 16.10
CA GLU B 31 7.56 12.87 15.16
C GLU B 31 7.90 13.02 13.66
N TYR B 32 8.56 11.99 13.09
CA TYR B 32 9.10 12.03 11.72
C TYR B 32 8.18 11.48 10.63
N ASP B 33 8.03 12.23 9.54
CA ASP B 33 7.19 11.81 8.43
C ASP B 33 7.93 11.93 7.10
N PRO B 34 8.37 10.81 6.52
CA PRO B 34 9.17 10.86 5.29
C PRO B 34 8.32 11.23 4.10
N THR B 35 7.01 11.15 4.28
CA THR B 35 6.05 11.41 3.22
C THR B 35 6.05 12.86 2.78
N ILE B 36 6.19 13.78 3.73
CA ILE B 36 5.91 15.18 3.44
C ILE B 36 6.99 15.81 2.59
N GLU B 37 6.56 16.77 1.76
CA GLU B 37 7.43 17.54 0.88
C GLU B 37 8.58 18.18 1.64
N ASP B 38 9.80 17.92 1.19
CA ASP B 38 10.99 18.54 1.75
C ASP B 38 11.24 18.10 3.20
N SER B 39 11.13 16.79 3.42
CA SER B 39 11.70 16.14 4.60
C SER B 39 13.00 15.50 4.15
N TYR B 40 13.50 15.99 3.01
CA TYR B 40 14.80 15.60 2.45
C TYR B 40 15.55 16.83 1.95
N ARG B 41 15.02 18.02 2.24
CA ARG B 41 15.66 19.28 1.89
C ARG B 41 16.10 19.99 3.18
N LYS B 42 17.25 20.64 3.15
CA LYS B 42 17.80 21.21 4.37
C LYS B 42 18.74 22.37 4.09
N GLN B 43 18.33 23.56 4.53
CA GLN B 43 19.18 24.74 4.46
C GLN B 43 20.21 24.74 5.58
N VAL B 44 21.48 24.94 5.24
CA VAL B 44 22.53 24.91 6.25
C VAL B 44 23.62 25.93 5.97
N VAL B 45 24.43 26.21 6.99
CA VAL B 45 25.60 27.07 6.82
C VAL B 45 26.87 26.26 6.97
N ILE B 46 27.63 26.14 5.89
CA ILE B 46 28.87 25.39 5.91
C ILE B 46 30.00 26.33 5.54
N ASP B 47 30.92 26.54 6.48
CA ASP B 47 32.03 27.49 6.30
C ASP B 47 31.54 28.88 5.94
N GLY B 48 30.47 29.33 6.57
CA GLY B 48 29.97 30.67 6.36
C GLY B 48 29.14 30.89 5.12
N GLU B 49 29.23 29.97 4.15
CA GLU B 49 28.39 30.08 2.96
C GLU B 49 27.11 29.26 3.12
N THR B 50 25.97 29.93 3.12
CA THR B 50 24.67 29.27 3.15
C THR B 50 24.43 28.47 1.88
N CYS B 51 23.91 27.26 2.04
CA CYS B 51 23.61 26.41 0.91
C CYS B 51 22.45 25.48 1.24
N LEU B 52 21.88 24.86 0.21
CA LEU B 52 20.74 23.97 0.38
C LEU B 52 21.13 22.52 0.06
N LEU B 53 20.87 21.61 1.01
CA LEU B 53 21.18 20.19 0.81
C LEU B 53 20.00 19.40 0.27
N ASP B 54 20.20 18.70 -0.83
CA ASP B 54 19.17 17.80 -1.34
C ASP B 54 19.62 16.35 -1.22
N ILE B 55 19.04 15.62 -0.28
CA ILE B 55 19.49 14.26 0.02
C ILE B 55 18.59 13.19 -0.58
N LEU B 56 19.12 12.43 -1.54
CA LEU B 56 18.46 11.22 -2.02
C LEU B 56 18.88 10.00 -1.21
N ASP B 57 17.98 9.46 -0.39
CA ASP B 57 18.26 8.22 0.33
C ASP B 57 17.19 7.17 -0.01
N THR B 58 17.56 6.19 -0.80
CA THR B 58 16.61 5.19 -1.29
C THR B 58 16.65 3.91 -0.46
N ALA B 59 16.95 4.02 0.83
CA ALA B 59 16.99 2.88 1.71
C ALA B 59 15.70 2.08 1.61
N GLY B 60 15.81 0.77 1.63
CA GLY B 60 14.66 -0.09 1.45
C GLY B 60 14.54 -0.65 0.05
N GLN B 61 15.12 0.05 -0.93
CA GLN B 61 15.03 -0.34 -2.34
C GLN B 61 16.24 -1.09 -2.88
N GLU B 62 17.07 -1.61 -1.99
CA GLU B 62 18.33 -2.25 -2.35
C GLU B 62 18.23 -3.41 -3.33
N GLU B 63 17.13 -4.13 -3.32
CA GLU B 63 16.95 -5.27 -4.24
C GLU B 63 16.62 -4.86 -5.67
N TYR B 64 16.19 -3.61 -5.86
CA TYR B 64 16.10 -3.02 -7.20
C TYR B 64 17.48 -2.66 -7.66
N SER B 65 18.32 -3.65 -7.94
CA SER B 65 19.74 -3.38 -8.13
C SER B 65 20.03 -2.76 -9.49
N ALA B 66 19.07 -2.86 -10.40
CA ALA B 66 19.23 -2.31 -11.72
C ALA B 66 18.76 -0.87 -11.76
N MET B 67 18.35 -0.36 -10.61
CA MET B 67 17.95 1.04 -10.52
C MET B 67 19.05 1.91 -9.96
N ARG B 68 20.14 1.32 -9.50
CA ARG B 68 21.20 2.10 -8.90
C ARG B 68 21.80 3.15 -9.85
N ASP B 69 22.08 2.77 -11.10
CA ASP B 69 22.63 3.70 -12.08
C ASP B 69 21.77 4.95 -12.21
N GLN B 70 20.46 4.76 -12.29
CA GLN B 70 19.55 5.88 -12.44
C GLN B 70 19.58 6.83 -11.23
N TYR B 71 19.56 6.27 -10.04
CA TYR B 71 19.58 7.06 -8.82
C TYR B 71 20.92 7.75 -8.62
N MET B 72 22.01 7.07 -8.93
CA MET B 72 23.33 7.61 -8.69
C MET B 72 23.64 8.76 -9.61
N ARG B 73 23.10 8.70 -10.83
CA ARG B 73 23.43 9.65 -11.86
C ARG B 73 22.94 11.05 -11.51
N THR B 74 22.00 11.12 -10.57
CA THR B 74 21.39 12.38 -10.18
C THR B 74 22.27 13.22 -9.24
N GLY B 75 23.32 12.62 -8.69
CA GLY B 75 24.03 13.25 -7.58
C GLY B 75 25.41 13.79 -7.84
N GLU B 76 25.77 14.87 -7.16
CA GLU B 76 27.08 15.51 -7.29
C GLU B 76 28.09 14.97 -6.27
N GLY B 77 27.61 14.28 -5.25
CA GLY B 77 28.48 13.80 -4.19
C GLY B 77 27.89 12.58 -3.53
N PHE B 78 28.74 11.72 -3.01
CA PHE B 78 28.26 10.44 -2.51
C PHE B 78 28.73 10.13 -1.11
N LEU B 79 27.80 9.70 -0.29
CA LEU B 79 28.10 9.19 1.03
C LEU B 79 28.07 7.67 0.95
N CYS B 80 29.21 7.02 1.16
CA CYS B 80 29.26 5.56 1.06
C CYS B 80 29.26 4.93 2.44
N VAL B 81 28.13 4.34 2.83
CA VAL B 81 27.94 3.86 4.20
C VAL B 81 28.13 2.36 4.39
N PHE B 82 28.86 1.98 5.42
CA PHE B 82 28.87 0.58 5.87
C PHE B 82 28.56 0.53 7.37
N ALA B 83 28.18 -0.62 7.90
CA ALA B 83 27.96 -0.78 9.33
C ALA B 83 29.19 -1.37 10.00
N ILE B 84 29.60 -0.81 11.14
CA ILE B 84 30.84 -1.25 11.74
C ILE B 84 30.73 -2.64 12.40
N ASN B 85 29.52 -3.17 12.51
CA ASN B 85 29.36 -4.55 12.97
C ASN B 85 28.97 -5.50 11.84
N ASN B 86 29.19 -5.09 10.59
CA ASN B 86 28.88 -5.92 9.43
C ASN B 86 29.95 -5.88 8.36
N THR B 87 30.81 -6.91 8.34
CA THR B 87 31.98 -6.92 7.47
C THR B 87 31.57 -6.97 6.01
N LYS B 88 30.50 -7.69 5.73
CA LYS B 88 30.03 -7.79 4.36
C LYS B 88 29.77 -6.41 3.78
N SER B 89 29.08 -5.54 4.52
CA SER B 89 28.80 -4.21 4.01
C SER B 89 30.06 -3.39 3.79
N PHE B 90 31.11 -3.69 4.54
CA PHE B 90 32.38 -3.02 4.39
C PHE B 90 33.05 -3.42 3.09
N GLU B 91 32.98 -4.71 2.79
CA GLU B 91 33.58 -5.27 1.58
C GLU B 91 32.82 -4.89 0.32
N ASP B 92 31.53 -4.65 0.46
CA ASP B 92 30.72 -4.15 -0.64
C ASP B 92 31.09 -2.74 -1.04
N ILE B 93 31.80 -2.01 -0.19
CA ILE B 93 32.08 -0.60 -0.48
C ILE B 93 32.82 -0.45 -1.81
N HIS B 94 33.73 -1.38 -2.10
CA HIS B 94 34.49 -1.34 -3.34
C HIS B 94 33.58 -1.34 -4.57
N GLN B 95 32.62 -2.25 -4.61
CA GLN B 95 31.73 -2.33 -5.77
C GLN B 95 30.88 -1.07 -5.92
N TYR B 96 30.42 -0.50 -4.82
CA TYR B 96 29.68 0.76 -4.89
C TYR B 96 30.54 1.87 -5.51
N ARG B 97 31.78 2.00 -5.07
CA ARG B 97 32.69 2.99 -5.62
C ARG B 97 32.98 2.77 -7.11
N GLU B 98 33.19 1.53 -7.54
CA GLU B 98 33.44 1.27 -8.96
C GLU B 98 32.22 1.61 -9.78
N GLN B 99 31.04 1.41 -9.21
CA GLN B 99 29.80 1.68 -9.92
C GLN B 99 29.56 3.17 -10.08
N ILE B 100 29.78 3.93 -9.01
CA ILE B 100 29.72 5.39 -9.06
C ILE B 100 30.65 5.97 -10.12
N LYS B 101 31.91 5.55 -10.08
CA LYS B 101 32.90 5.99 -11.07
C LYS B 101 32.44 5.72 -12.49
N ARG B 102 31.79 4.58 -12.68
CA ARG B 102 31.33 4.22 -14.00
C ARG B 102 30.12 5.04 -14.49
N VAL B 103 29.18 5.40 -13.62
CA VAL B 103 28.02 6.14 -14.13
C VAL B 103 28.31 7.63 -14.21
N LYS B 104 29.31 8.10 -13.49
CA LYS B 104 29.76 9.49 -13.63
C LYS B 104 30.82 9.65 -14.73
N ASP B 105 31.32 8.53 -15.24
CA ASP B 105 32.43 8.52 -16.20
C ASP B 105 33.55 9.44 -15.72
N SER B 106 34.13 9.10 -14.58
CA SER B 106 35.15 9.91 -13.95
C SER B 106 35.89 9.06 -12.92
N ASP B 107 37.11 9.44 -12.58
CA ASP B 107 37.85 8.67 -11.60
C ASP B 107 37.94 9.40 -10.26
N ASP B 108 37.62 10.68 -10.25
CA ASP B 108 37.50 11.37 -8.97
C ASP B 108 36.13 12.04 -8.82
N VAL B 109 35.21 11.30 -8.22
CA VAL B 109 33.92 11.82 -7.84
C VAL B 109 34.01 12.17 -6.36
N PRO B 110 33.42 13.30 -5.95
CA PRO B 110 33.43 13.64 -4.52
C PRO B 110 32.67 12.61 -3.70
N MET B 111 33.36 11.93 -2.81
CA MET B 111 32.65 11.01 -1.93
C MET B 111 33.32 10.87 -0.59
N VAL B 112 32.54 10.40 0.38
CA VAL B 112 33.00 10.17 1.75
C VAL B 112 32.67 8.73 2.17
N LEU B 113 33.61 8.08 2.86
CA LEU B 113 33.34 6.79 3.44
C LEU B 113 32.82 6.99 4.86
N VAL B 114 31.67 6.43 5.16
CA VAL B 114 31.01 6.59 6.46
C VAL B 114 30.80 5.24 7.16
N GLY B 115 31.38 5.09 8.34
CA GLY B 115 31.17 3.89 9.13
C GLY B 115 30.14 4.18 10.18
N ASN B 116 29.04 3.46 10.15
CA ASN B 116 27.86 3.77 10.95
C ASN B 116 27.67 2.74 12.06
N LYS B 117 27.54 3.23 13.28
CA LYS B 117 27.29 2.40 14.45
C LYS B 117 25.79 2.37 14.72
N CYS B 118 25.15 1.25 14.37
CA CYS B 118 23.68 1.22 14.34
C CYS B 118 23.07 0.52 15.54
N ASP B 119 23.89 -0.15 16.35
CA ASP B 119 23.44 -0.65 17.65
C ASP B 119 24.60 -0.99 18.59
N LEU B 120 24.34 -1.90 19.52
CA LEU B 120 25.27 -2.19 20.60
C LEU B 120 25.96 -3.55 20.41
N ALA B 121 25.73 -4.17 19.26
CA ALA B 121 26.49 -5.36 18.88
C ALA B 121 27.99 -5.03 18.75
N ALA B 122 28.80 -6.06 18.59
CA ALA B 122 30.24 -5.88 18.62
C ALA B 122 30.76 -5.41 17.29
N ARG B 123 31.66 -4.44 17.35
CA ARG B 123 32.36 -3.94 16.19
C ARG B 123 33.18 -5.05 15.55
N THR B 124 33.12 -5.15 14.23
CA THR B 124 33.93 -6.16 13.54
C THR B 124 34.82 -5.53 12.49
N VAL B 125 34.56 -4.27 12.18
CA VAL B 125 35.41 -3.46 11.33
C VAL B 125 36.09 -2.43 12.20
N GLU B 126 37.41 -2.48 12.28
CA GLU B 126 38.10 -1.53 13.13
C GLU B 126 38.32 -0.23 12.37
N SER B 127 38.42 0.88 13.10
CA SER B 127 38.68 2.19 12.50
C SER B 127 39.84 2.13 11.55
N ARG B 128 40.92 1.49 12.00
CA ARG B 128 42.15 1.39 11.24
C ARG B 128 41.94 0.82 9.85
N GLN B 129 41.25 -0.32 9.71
CA GLN B 129 40.99 -0.88 8.38
C GLN B 129 40.23 0.10 7.48
N ALA B 130 39.31 0.82 8.10
CA ALA B 130 38.49 1.80 7.40
C ALA B 130 39.31 3.00 6.97
N GLN B 131 40.17 3.52 7.85
CA GLN B 131 41.05 4.63 7.49
C GLN B 131 41.91 4.25 6.32
N ASP B 132 42.47 3.05 6.39
CA ASP B 132 43.37 2.56 5.37
C ASP B 132 42.68 2.39 4.03
N LEU B 133 41.45 1.89 4.06
CA LEU B 133 40.68 1.80 2.85
C LEU B 133 40.37 3.17 2.29
N ALA B 134 40.04 4.10 3.17
CA ALA B 134 39.74 5.46 2.76
C ALA B 134 40.98 6.16 2.20
N ARG B 135 42.13 5.89 2.80
CA ARG B 135 43.36 6.49 2.34
C ARG B 135 43.77 5.97 0.98
N SER B 136 43.55 4.68 0.75
CA SER B 136 43.87 4.08 -0.54
C SER B 136 43.01 4.65 -1.67
N TYR B 137 41.78 5.06 -1.36
CA TYR B 137 40.89 5.70 -2.33
C TYR B 137 41.07 7.22 -2.39
N GLY B 138 41.80 7.77 -1.44
CA GLY B 138 41.96 9.20 -1.34
C GLY B 138 40.73 9.98 -0.90
N ILE B 139 39.88 9.38 -0.05
CA ILE B 139 38.66 10.05 0.43
C ILE B 139 38.59 10.13 1.96
N PRO B 140 37.85 11.11 2.50
CA PRO B 140 37.68 11.24 3.95
C PRO B 140 36.96 10.07 4.57
N TYR B 141 37.32 9.73 5.81
CA TYR B 141 36.58 8.72 6.56
C TYR B 141 35.93 9.35 7.79
N ILE B 142 34.65 9.04 8.01
CA ILE B 142 33.90 9.57 9.16
C ILE B 142 33.05 8.48 9.80
N GLU B 143 33.10 8.38 11.13
CA GLU B 143 32.24 7.47 11.86
C GLU B 143 31.03 8.19 12.48
N THR B 144 29.86 7.57 12.43
CA THR B 144 28.65 8.15 13.01
C THR B 144 27.93 7.18 13.91
N SER B 145 27.08 7.72 14.79
CA SER B 145 26.22 6.91 15.67
C SER B 145 24.77 7.09 15.29
N ALA B 146 24.07 5.98 15.11
CA ALA B 146 22.66 6.02 14.72
C ALA B 146 21.73 6.37 15.90
N LYS B 147 22.29 6.43 17.10
CA LYS B 147 21.50 6.75 18.29
C LYS B 147 21.71 8.19 18.73
N THR B 148 22.96 8.60 18.81
CA THR B 148 23.34 9.85 19.44
C THR B 148 23.58 11.02 18.50
N ARG B 149 23.41 10.80 17.21
CA ARG B 149 23.63 11.83 16.19
C ARG B 149 25.08 12.31 16.09
N GLN B 150 25.99 11.62 16.76
CA GLN B 150 27.39 11.99 16.68
C GLN B 150 27.94 11.73 15.27
N GLY B 151 28.63 12.72 14.73
CA GLY B 151 29.29 12.56 13.45
C GLY B 151 28.41 12.74 12.23
N VAL B 152 27.12 12.92 12.43
CA VAL B 152 26.22 13.08 11.29
C VAL B 152 26.37 14.43 10.56
N GLU B 153 26.53 15.53 11.28
CA GLU B 153 26.80 16.78 10.59
C GLU B 153 28.15 16.74 9.92
N ASP B 154 29.12 16.16 10.61
CA ASP B 154 30.47 16.10 10.09
C ASP B 154 30.48 15.36 8.74
N ALA B 155 29.76 14.26 8.65
CA ALA B 155 29.70 13.46 7.43
C ALA B 155 29.17 14.23 6.24
N PHE B 156 28.05 14.93 6.41
CA PHE B 156 27.49 15.67 5.29
C PHE B 156 28.28 16.93 4.97
N TYR B 157 28.63 17.71 5.99
CA TYR B 157 29.45 18.90 5.77
C TYR B 157 30.79 18.58 5.11
N THR B 158 31.42 17.49 5.52
CA THR B 158 32.65 17.06 4.88
C THR B 158 32.43 16.79 3.40
N LEU B 159 31.35 16.09 3.07
CA LEU B 159 31.06 15.81 1.67
C LEU B 159 30.83 17.10 0.87
N VAL B 160 30.22 18.11 1.47
CA VAL B 160 30.01 19.36 0.75
C VAL B 160 31.35 20.04 0.48
N ARG B 161 32.23 20.05 1.47
CA ARG B 161 33.59 20.56 1.27
C ARG B 161 34.31 19.80 0.17
N GLU B 162 34.07 18.51 0.10
CA GLU B 162 34.67 17.67 -0.93
C GLU B 162 34.20 18.09 -2.32
N ILE B 163 32.94 18.48 -2.43
CA ILE B 163 32.37 18.97 -3.68
C ILE B 163 32.89 20.35 -4.02
N ARG B 164 32.81 21.27 -3.07
CA ARG B 164 33.34 22.61 -3.25
C ARG B 164 34.82 22.64 -3.66
N GLN B 165 35.60 21.67 -3.19
CA GLN B 165 37.04 21.66 -3.45
C GLN B 165 37.44 20.73 -4.59
N HIS B 166 36.48 20.39 -5.44
CA HIS B 166 36.75 19.53 -6.58
C HIS B 166 37.29 20.35 -7.76
N GLN C 1 -25.19 9.82 33.01
CA GLN C 1 -24.29 8.89 32.30
C GLN C 1 -24.52 7.48 32.83
N MET C 2 -23.55 6.61 32.62
CA MET C 2 -23.75 5.18 32.86
C MET C 2 -22.60 4.62 33.69
N ARG C 3 -22.91 3.72 34.62
CA ARG C 3 -21.91 3.21 35.54
C ARG C 3 -21.19 1.96 35.03
N LEU C 4 -19.88 1.96 35.16
CA LEU C 4 -19.01 0.89 34.68
C LEU C 4 -18.75 -0.07 35.81
N PRO C 5 -18.26 -1.28 35.50
CA PRO C 5 -17.90 -2.20 36.59
C PRO C 5 -16.69 -1.68 37.36
N SER C 6 -16.32 -2.35 38.44
CA SER C 6 -15.16 -1.92 39.20
C SER C 6 -13.87 -2.21 38.42
N ALA C 7 -12.91 -1.29 38.50
CA ALA C 7 -11.66 -1.44 37.76
C ALA C 7 -10.83 -2.57 38.35
N ASP C 8 -11.22 -3.04 39.52
CA ASP C 8 -10.49 -4.13 40.15
C ASP C 8 -10.89 -5.50 39.59
N VAL C 9 -12.08 -5.60 39.02
CA VAL C 9 -12.56 -6.86 38.48
C VAL C 9 -12.71 -6.82 36.97
N TYR C 10 -12.52 -5.64 36.39
CA TYR C 10 -12.59 -5.43 34.96
C TYR C 10 -11.63 -4.32 34.59
N ARG C 11 -10.45 -4.66 34.12
CA ARG C 11 -9.38 -3.68 33.92
C ARG C 11 -9.71 -2.57 32.93
N PHE C 12 -10.66 -2.81 32.03
CA PHE C 12 -10.95 -1.86 30.97
C PHE C 12 -11.89 -0.75 31.42
N ALA C 13 -12.08 -0.64 32.74
CA ALA C 13 -12.92 0.38 33.33
C ALA C 13 -12.10 1.47 34.01
N GLU C 14 -10.78 1.39 33.90
CA GLU C 14 -9.93 2.45 34.40
C GLU C 14 -10.24 3.76 33.70
N PRO C 15 -10.37 4.84 34.47
CA PRO C 15 -10.59 6.14 33.80
C PRO C 15 -9.40 6.60 32.96
N ASP C 16 -9.67 7.22 31.82
CA ASP C 16 -8.63 7.80 31.00
C ASP C 16 -7.87 8.88 31.75
N SER C 17 -6.54 8.81 31.69
CA SER C 17 -5.72 9.92 32.14
C SER C 17 -4.51 10.02 31.21
N GLU C 18 -3.69 11.05 31.39
CA GLU C 18 -2.53 11.22 30.55
C GLU C 18 -1.43 10.23 30.92
N GLU C 19 -1.72 9.31 31.82
CA GLU C 19 -0.75 8.28 32.18
C GLU C 19 -1.06 6.96 31.47
N ASN C 20 -2.19 6.92 30.75
CA ASN C 20 -2.53 5.73 30.00
C ASN C 20 -3.06 5.98 28.58
N ILE C 21 -3.32 7.23 28.25
CA ILE C 21 -3.77 7.55 26.91
C ILE C 21 -3.59 9.03 26.57
N ILE C 22 -3.19 9.27 25.34
CA ILE C 22 -2.87 10.60 24.86
C ILE C 22 -3.49 10.76 23.50
N PHE C 23 -4.28 11.82 23.34
CA PHE C 23 -4.95 12.02 22.07
C PHE C 23 -4.21 13.05 21.25
N GLU C 24 -4.38 12.97 19.94
CA GLU C 24 -3.86 13.98 19.04
C GLU C 24 -4.79 15.18 19.10
N GLU C 25 -4.43 16.30 18.48
CA GLU C 25 -5.41 17.37 18.38
C GLU C 25 -5.96 17.57 16.97
N GLY C 32 -16.54 12.75 13.97
CA GLY C 32 -15.56 13.60 14.62
C GLY C 32 -14.99 12.95 15.88
N ILE C 33 -14.69 11.66 15.79
CA ILE C 33 -14.15 10.88 16.90
C ILE C 33 -12.67 11.20 17.17
N PRO C 34 -12.19 10.96 18.40
CA PRO C 34 -10.79 11.32 18.72
C PRO C 34 -9.76 10.46 18.01
N ILE C 35 -8.58 11.02 17.81
CA ILE C 35 -7.44 10.30 17.25
C ILE C 35 -6.37 10.08 18.33
N ILE C 36 -5.94 8.83 18.48
CA ILE C 36 -5.04 8.46 19.56
C ILE C 36 -3.59 8.57 19.14
N LYS C 37 -2.80 9.29 19.93
CA LYS C 37 -1.38 9.47 19.69
C LYS C 37 -0.53 8.41 20.38
N ALA C 38 -0.94 7.98 21.57
CA ALA C 38 -0.22 6.99 22.36
C ALA C 38 -1.08 6.46 23.49
N GLY C 39 -0.78 5.26 23.97
CA GLY C 39 -1.52 4.71 25.08
C GLY C 39 -0.96 3.40 25.58
N THR C 40 -1.55 2.85 26.63
CA THR C 40 -1.18 1.52 27.05
C THR C 40 -1.93 0.50 26.20
N VAL C 41 -1.52 -0.75 26.20
CA VAL C 41 -2.23 -1.77 25.43
CA VAL C 41 -2.24 -1.80 25.46
C VAL C 41 -3.69 -1.88 25.87
N ILE C 42 -3.94 -1.80 27.18
CA ILE C 42 -5.30 -1.85 27.72
C ILE C 42 -6.15 -0.76 27.10
N LYS C 43 -5.66 0.47 27.14
CA LYS C 43 -6.43 1.57 26.61
C LYS C 43 -6.60 1.49 25.09
N LEU C 44 -5.59 1.01 24.39
CA LEU C 44 -5.70 0.81 22.94
C LEU C 44 -6.80 -0.20 22.62
N ILE C 45 -6.84 -1.30 23.38
CA ILE C 45 -7.86 -2.31 23.15
C ILE C 45 -9.24 -1.81 23.55
N GLU C 46 -9.31 -0.99 24.58
CA GLU C 46 -10.58 -0.39 24.97
C GLU C 46 -11.11 0.49 23.84
N ARG C 47 -10.26 1.32 23.26
CA ARG C 47 -10.68 2.17 22.14
C ARG C 47 -10.93 1.37 20.86
N LEU C 48 -10.25 0.25 20.72
CA LEU C 48 -10.44 -0.64 19.59
C LEU C 48 -11.86 -1.20 19.56
N THR C 49 -12.54 -1.13 20.70
CA THR C 49 -13.83 -1.77 20.92
C THR C 49 -14.70 -0.90 21.78
N TYR C 50 -14.62 0.41 21.59
CA TYR C 50 -15.31 1.38 22.43
C TYR C 50 -16.81 1.20 22.35
N HIS C 51 -17.53 1.59 23.39
CA HIS C 51 -18.97 1.37 23.40
C HIS C 51 -19.73 2.48 22.69
N MET C 52 -19.09 3.61 22.45
CA MET C 52 -19.75 4.78 21.88
C MET C 52 -19.74 4.79 20.35
N TYR C 53 -18.57 4.59 19.76
CA TYR C 53 -18.42 4.66 18.32
C TYR C 53 -17.55 3.51 17.80
N ALA C 54 -17.72 3.17 16.52
CA ALA C 54 -16.81 2.23 15.85
C ALA C 54 -15.76 3.00 15.05
N ASP C 55 -14.55 2.46 14.95
CA ASP C 55 -13.57 3.05 14.05
C ASP C 55 -12.90 1.95 13.22
N PRO C 56 -13.44 1.69 12.02
CA PRO C 56 -12.96 0.54 11.24
C PRO C 56 -11.55 0.80 10.71
N ASN C 57 -11.17 2.05 10.55
CA ASN C 57 -9.83 2.32 10.09
C ASN C 57 -8.84 2.10 11.22
N PHE C 58 -9.33 2.20 12.45
CA PHE C 58 -8.51 1.93 13.60
C PHE C 58 -8.29 0.42 13.76
N VAL C 59 -9.33 -0.36 13.55
CA VAL C 59 -9.19 -1.82 13.54
C VAL C 59 -8.15 -2.29 12.51
N ARG C 60 -8.19 -1.75 11.30
CA ARG C 60 -7.24 -2.17 10.28
C ARG C 60 -5.82 -1.78 10.68
N THR C 61 -5.65 -0.56 11.22
CA THR C 61 -4.35 -0.10 11.69
C THR C 61 -3.78 -0.97 12.79
N PHE C 62 -4.62 -1.35 13.75
CA PHE C 62 -4.18 -2.16 14.87
C PHE C 62 -3.79 -3.58 14.45
N LEU C 63 -4.65 -4.25 13.70
CA LEU C 63 -4.35 -5.63 13.32
C LEU C 63 -3.17 -5.73 12.35
N THR C 64 -2.89 -4.64 11.65
CA THR C 64 -1.72 -4.62 10.77
C THR C 64 -0.42 -4.46 11.56
N THR C 65 -0.44 -3.62 12.59
CA THR C 65 0.80 -3.20 13.22
C THR C 65 1.02 -3.64 14.67
N TYR C 66 0.07 -4.33 15.29
CA TYR C 66 0.18 -4.59 16.73
C TYR C 66 1.35 -5.48 17.11
N ARG C 67 1.85 -6.30 16.19
CA ARG C 67 2.86 -7.29 16.54
C ARG C 67 4.19 -6.65 16.95
N SER C 68 4.34 -5.35 16.69
CA SER C 68 5.54 -4.64 17.11
C SER C 68 5.51 -4.25 18.60
N PHE C 69 4.33 -4.29 19.23
CA PHE C 69 4.23 -3.97 20.65
C PHE C 69 3.48 -5.00 21.49
N CYS C 70 3.06 -6.10 20.88
CA CYS C 70 2.21 -7.07 21.56
C CYS C 70 2.17 -8.41 20.83
N LYS C 71 2.30 -9.51 21.54
CA LYS C 71 2.32 -10.82 20.91
C LYS C 71 0.90 -11.30 20.63
N PRO C 72 0.70 -12.06 19.54
CA PRO C 72 -0.61 -12.63 19.18
C PRO C 72 -1.31 -13.39 20.31
N GLN C 73 -0.58 -14.17 21.09
CA GLN C 73 -1.21 -14.93 22.17
C GLN C 73 -1.75 -13.99 23.22
N GLU C 74 -1.02 -12.90 23.45
CA GLU C 74 -1.40 -11.90 24.44
C GLU C 74 -2.56 -11.02 23.96
N LEU C 75 -2.64 -10.74 22.66
CA LEU C 75 -3.77 -10.01 22.11
C LEU C 75 -5.04 -10.80 22.32
N LEU C 76 -5.03 -12.07 21.96
CA LEU C 76 -6.20 -12.92 22.16
C LEU C 76 -6.64 -12.98 23.62
N SER C 77 -5.70 -13.08 24.55
CA SER C 77 -6.04 -13.08 25.97
C SER C 77 -6.70 -11.76 26.38
N LEU C 78 -6.20 -10.66 25.84
CA LEU C 78 -6.77 -9.38 26.17
C LEU C 78 -8.17 -9.13 25.59
N ILE C 79 -8.48 -9.61 24.38
CA ILE C 79 -9.82 -9.36 23.91
C ILE C 79 -10.82 -10.36 24.51
N ILE C 80 -10.34 -11.54 24.91
CA ILE C 80 -11.20 -12.48 25.63
C ILE C 80 -11.57 -11.88 26.98
N GLU C 81 -10.61 -11.19 27.59
CA GLU C 81 -10.86 -10.48 28.84
C GLU C 81 -11.83 -9.32 28.68
N ARG C 82 -11.70 -8.57 27.58
CA ARG C 82 -12.57 -7.41 27.32
C ARG C 82 -13.98 -7.88 27.08
N PHE C 83 -14.10 -9.06 26.53
CA PHE C 83 -15.39 -9.60 26.17
C PHE C 83 -16.24 -10.00 27.40
N GLU C 84 -15.63 -10.51 28.48
CA GLU C 84 -16.44 -10.96 29.62
C GLU C 84 -16.66 -9.83 30.61
N ILE C 85 -17.72 -9.09 30.34
CA ILE C 85 -18.13 -7.93 31.12
C ILE C 85 -19.08 -8.36 32.23
N PRO C 86 -18.74 -8.04 33.47
CA PRO C 86 -19.60 -8.32 34.61
C PRO C 86 -20.86 -7.45 34.62
N GLU C 87 -22.04 -8.07 34.78
CA GLU C 87 -23.30 -7.34 34.82
C GLU C 87 -23.49 -6.71 36.20
N PRO C 88 -24.25 -5.61 36.27
CA PRO C 88 -24.44 -4.96 37.56
C PRO C 88 -25.44 -5.70 38.46
N GLU C 89 -25.35 -5.43 39.77
CA GLU C 89 -26.28 -5.99 40.75
C GLU C 89 -27.60 -5.21 40.70
N PRO C 90 -28.71 -5.84 41.15
CA PRO C 90 -30.02 -5.18 41.18
C PRO C 90 -30.01 -3.89 42.00
N THR C 91 -30.78 -2.91 41.54
CA THR C 91 -30.83 -1.62 42.20
C THR C 91 -31.92 -1.53 43.26
N GLU C 92 -32.05 -0.37 43.90
CA GLU C 92 -32.96 -0.22 45.02
C GLU C 92 -34.40 -0.41 44.59
N ALA C 93 -34.77 0.22 43.48
CA ALA C 93 -36.10 0.04 42.91
C ALA C 93 -36.35 -1.41 42.52
N ASP C 94 -35.28 -2.14 42.20
CA ASP C 94 -35.40 -3.56 41.87
C ASP C 94 -35.55 -4.39 43.14
N ARG C 95 -34.82 -4.01 44.20
CA ARG C 95 -34.92 -4.68 45.50
C ARG C 95 -36.33 -4.58 46.05
N ILE C 96 -36.88 -3.37 46.00
CA ILE C 96 -38.19 -3.12 46.61
C ILE C 96 -39.31 -3.83 45.86
N ALA C 97 -39.18 -3.95 44.54
CA ALA C 97 -40.18 -4.65 43.75
C ALA C 97 -40.18 -6.14 44.09
N ILE C 98 -39.00 -6.74 44.16
CA ILE C 98 -38.85 -8.15 44.50
C ILE C 98 -39.38 -8.46 45.89
N GLU C 99 -39.26 -7.52 46.82
CA GLU C 99 -39.72 -7.73 48.18
C GLU C 99 -41.23 -7.71 48.29
N ASN C 100 -41.92 -7.32 47.21
CA ASN C 100 -43.39 -7.41 47.18
C ASN C 100 -43.86 -8.46 46.19
N GLY C 101 -42.95 -9.34 45.79
CA GLY C 101 -43.29 -10.44 44.91
C GLY C 101 -43.56 -10.03 43.47
N ASP C 102 -43.30 -8.77 43.17
CA ASP C 102 -43.46 -8.25 41.81
C ASP C 102 -42.20 -8.53 41.01
N GLN C 103 -42.27 -8.27 39.70
CA GLN C 103 -41.11 -8.40 38.84
C GLN C 103 -40.42 -7.05 38.68
N PRO C 104 -39.09 -7.01 38.82
CA PRO C 104 -38.35 -5.75 38.68
C PRO C 104 -38.41 -5.20 37.27
N LEU C 105 -38.31 -3.88 37.14
CA LEU C 105 -38.14 -3.26 35.82
C LEU C 105 -36.75 -3.54 35.29
N SER C 106 -35.78 -3.52 36.20
CA SER C 106 -34.37 -3.71 35.89
C SER C 106 -33.90 -2.76 34.81
N ALA C 107 -34.31 -1.49 34.91
CA ALA C 107 -34.05 -0.50 33.85
C ALA C 107 -32.57 -0.23 33.60
N GLU C 108 -31.76 -0.24 34.64
CA GLU C 108 -30.35 0.08 34.50
C GLU C 108 -29.53 -1.11 34.01
N LEU C 109 -29.94 -2.32 34.38
CA LEU C 109 -29.31 -3.52 33.87
C LEU C 109 -29.63 -3.66 32.38
N LYS C 110 -30.87 -3.39 32.00
CA LYS C 110 -31.25 -3.46 30.60
C LYS C 110 -30.55 -2.36 29.79
N ARG C 111 -30.29 -1.21 30.40
CA ARG C 111 -29.60 -0.17 29.69
C ARG C 111 -28.13 -0.54 29.54
N PHE C 112 -27.56 -1.16 30.57
CA PHE C 112 -26.17 -1.56 30.52
C PHE C 112 -25.93 -2.65 29.47
N ARG C 113 -26.87 -3.56 29.32
CA ARG C 113 -26.76 -4.58 28.30
C ARG C 113 -26.85 -3.99 26.92
N LYS C 114 -27.79 -3.08 26.72
CA LYS C 114 -28.07 -2.56 25.40
C LYS C 114 -27.03 -1.54 24.96
N GLU C 115 -26.49 -0.77 25.91
CA GLU C 115 -25.65 0.37 25.55
C GLU C 115 -24.18 0.20 25.88
N TYR C 116 -23.83 -0.78 26.70
CA TYR C 116 -22.42 -1.06 26.94
C TYR C 116 -22.05 -2.47 26.49
N ILE C 117 -22.63 -3.49 27.12
CA ILE C 117 -22.21 -4.86 26.88
C ILE C 117 -22.39 -5.28 25.43
N GLN C 118 -23.55 -4.97 24.84
CA GLN C 118 -23.78 -5.46 23.48
C GLN C 118 -22.90 -4.78 22.44
N PRO C 119 -22.77 -3.44 22.48
CA PRO C 119 -21.83 -2.88 21.51
C PRO C 119 -20.36 -3.30 21.73
N VAL C 120 -19.89 -3.36 22.97
CA VAL C 120 -18.51 -3.78 23.21
C VAL C 120 -18.28 -5.23 22.79
N GLN C 121 -19.27 -6.08 22.92
CA GLN C 121 -19.11 -7.48 22.50
C GLN C 121 -19.16 -7.67 20.98
N LEU C 122 -19.97 -6.88 20.28
CA LEU C 122 -19.98 -6.97 18.83
C LEU C 122 -18.68 -6.43 18.26
N ARG C 123 -18.16 -5.37 18.87
CA ARG C 123 -16.93 -4.80 18.36
C ARG C 123 -15.75 -5.72 18.65
N VAL C 124 -15.79 -6.43 19.77
CA VAL C 124 -14.81 -7.49 20.00
C VAL C 124 -14.92 -8.56 18.93
N LEU C 125 -16.13 -9.03 18.64
CA LEU C 125 -16.32 -10.01 17.56
C LEU C 125 -15.89 -9.46 16.21
N ASN C 126 -16.13 -8.19 15.97
CA ASN C 126 -15.69 -7.61 14.72
C ASN C 126 -14.18 -7.58 14.60
N VAL C 127 -13.48 -7.35 15.71
CA VAL C 127 -12.02 -7.45 15.69
C VAL C 127 -11.61 -8.86 15.33
N CYS C 128 -12.29 -9.85 15.89
CA CYS C 128 -12.00 -11.25 15.60
C CYS C 128 -12.25 -11.61 14.16
N ARG C 129 -13.36 -11.09 13.62
CA ARG C 129 -13.70 -11.31 12.23
C ARG C 129 -12.62 -10.75 11.30
N HIS C 130 -12.24 -9.50 11.49
CA HIS C 130 -11.19 -8.89 10.69
C HIS C 130 -9.86 -9.60 10.88
N TRP C 131 -9.63 -10.11 12.08
CA TRP C 131 -8.39 -10.79 12.38
C TRP C 131 -8.27 -12.06 11.56
N VAL C 132 -9.31 -12.86 11.60
CA VAL C 132 -9.35 -14.12 10.89
C VAL C 132 -9.42 -13.94 9.37
N GLU C 133 -10.12 -12.91 8.93
CA GLU C 133 -10.41 -12.76 7.51
C GLU C 133 -9.31 -12.03 6.73
N HIS C 134 -8.53 -11.19 7.38
CA HIS C 134 -7.52 -10.38 6.70
C HIS C 134 -6.11 -10.55 7.24
N HIS C 135 -5.94 -11.30 8.31
CA HIS C 135 -4.64 -11.46 8.92
C HIS C 135 -4.49 -12.87 9.41
N PHE C 136 -4.96 -13.82 8.62
CA PHE C 136 -5.03 -15.21 9.02
C PHE C 136 -3.66 -15.84 9.24
N TYR C 137 -2.60 -15.14 8.87
CA TYR C 137 -1.27 -15.73 8.99
C TYR C 137 -0.83 -15.88 10.45
N ASP C 138 -1.39 -15.10 11.36
CA ASP C 138 -1.12 -15.31 12.77
C ASP C 138 -1.49 -16.74 13.17
N PHE C 139 -2.53 -17.26 12.55
CA PHE C 139 -3.06 -18.57 12.91
C PHE C 139 -2.39 -19.67 12.10
N GLU C 140 -1.96 -19.36 10.89
CA GLU C 140 -1.20 -20.32 10.10
C GLU C 140 0.13 -20.65 10.75
N ARG C 141 0.74 -19.67 11.39
CA ARG C 141 2.07 -19.84 11.97
C ARG C 141 2.02 -20.25 13.42
N ASP C 142 0.81 -20.44 13.95
CA ASP C 142 0.59 -20.83 15.33
C ASP C 142 -0.74 -21.57 15.53
N ALA C 143 -0.67 -22.91 15.55
CA ALA C 143 -1.88 -23.73 15.64
C ALA C 143 -2.57 -23.59 16.99
N TYR C 144 -1.81 -23.27 18.03
CA TYR C 144 -2.41 -23.16 19.34
C TYR C 144 -3.27 -21.90 19.39
N LEU C 145 -2.78 -20.83 18.78
CA LEU C 145 -3.53 -19.59 18.69
C LEU C 145 -4.87 -19.81 17.98
N LEU C 146 -4.89 -20.65 16.96
CA LEU C 146 -6.11 -20.93 16.25
C LEU C 146 -7.05 -21.75 17.11
N GLN C 147 -6.51 -22.71 17.85
CA GLN C 147 -7.34 -23.52 18.75
C GLN C 147 -8.06 -22.64 19.76
N ARG C 148 -7.33 -21.72 20.38
CA ARG C 148 -7.91 -20.83 21.37
C ARG C 148 -8.99 -19.95 20.78
N MET C 149 -8.76 -19.47 19.57
CA MET C 149 -9.74 -18.62 18.90
C MET C 149 -11.02 -19.40 18.64
N GLU C 150 -10.89 -20.65 18.24
CA GLU C 150 -12.05 -21.48 17.96
C GLU C 150 -12.82 -21.79 19.24
N GLU C 151 -12.11 -22.06 20.33
CA GLU C 151 -12.78 -22.32 21.60
C GLU C 151 -13.43 -21.06 22.13
N PHE C 152 -12.77 -19.92 21.99
CA PHE C 152 -13.38 -18.68 22.46
C PHE C 152 -14.68 -18.43 21.72
N ILE C 153 -14.63 -18.41 20.39
CA ILE C 153 -15.82 -18.17 19.59
C ILE C 153 -16.87 -19.25 19.80
N GLY C 154 -16.45 -20.50 19.90
CA GLY C 154 -17.38 -21.62 19.98
C GLY C 154 -18.17 -21.73 21.28
N THR C 155 -17.75 -21.00 22.30
CA THR C 155 -18.39 -21.09 23.60
C THR C 155 -19.04 -19.77 24.00
N VAL C 156 -19.31 -18.92 23.02
CA VAL C 156 -20.02 -17.68 23.27
C VAL C 156 -21.52 -17.97 23.33
N ARG C 157 -22.10 -17.87 24.50
CA ARG C 157 -23.55 -18.05 24.66
C ARG C 157 -24.31 -16.74 24.58
N GLY C 158 -25.61 -16.82 24.33
CA GLY C 158 -26.43 -15.62 24.23
C GLY C 158 -26.87 -15.38 22.80
N LYS C 159 -28.17 -15.22 22.58
CA LYS C 159 -28.69 -15.26 21.21
C LYS C 159 -28.54 -13.92 20.48
N ALA C 160 -28.15 -12.88 21.21
CA ALA C 160 -27.83 -11.59 20.59
C ALA C 160 -26.57 -11.70 19.75
N MET C 161 -25.71 -12.65 20.09
CA MET C 161 -24.43 -12.82 19.43
C MET C 161 -24.50 -13.95 18.40
N LYS C 162 -25.52 -14.80 18.56
CA LYS C 162 -25.62 -16.06 17.82
C LYS C 162 -25.29 -15.98 16.33
N LYS C 163 -25.86 -15.00 15.63
CA LYS C 163 -25.67 -14.85 14.19
C LYS C 163 -24.21 -14.69 13.77
N TRP C 164 -23.47 -13.85 14.49
CA TRP C 164 -22.06 -13.61 14.18
C TRP C 164 -21.13 -14.71 14.69
N VAL C 165 -21.54 -15.42 15.73
CA VAL C 165 -20.79 -16.55 16.23
C VAL C 165 -20.84 -17.71 15.24
N GLU C 166 -22.02 -18.01 14.72
CA GLU C 166 -22.13 -19.05 13.70
C GLU C 166 -21.38 -18.64 12.44
N SER C 167 -21.46 -17.36 12.10
CA SER C 167 -20.76 -16.82 10.95
C SER C 167 -19.24 -16.98 11.06
N ILE C 168 -18.65 -16.47 12.15
CA ILE C 168 -17.22 -16.56 12.35
C ILE C 168 -16.72 -18.00 12.46
N THR C 169 -17.55 -18.92 12.95
CA THR C 169 -17.16 -20.32 12.97
C THR C 169 -16.98 -20.86 11.55
N LYS C 170 -17.97 -20.63 10.69
CA LYS C 170 -17.87 -21.03 9.30
C LYS C 170 -16.68 -20.37 8.56
N ILE C 171 -16.39 -19.10 8.87
CA ILE C 171 -15.31 -18.39 8.21
C ILE C 171 -13.97 -19.00 8.59
N ILE C 172 -13.77 -19.26 9.87
CA ILE C 172 -12.56 -19.92 10.33
C ILE C 172 -12.40 -21.29 9.66
N GLN C 173 -13.47 -22.05 9.52
CA GLN C 173 -13.36 -23.36 8.87
C GLN C 173 -13.02 -23.25 7.39
N ARG C 174 -13.55 -22.26 6.69
CA ARG C 174 -13.21 -22.06 5.27
C ARG C 174 -11.76 -21.67 5.09
N LYS C 175 -11.33 -20.67 5.85
CA LYS C 175 -9.98 -20.17 5.73
C LYS C 175 -8.96 -21.27 5.93
N LYS C 176 -9.33 -22.26 6.73
CA LYS C 176 -8.43 -23.37 7.05
C LYS C 176 -8.13 -24.21 5.83
N ILE C 177 -9.16 -24.64 5.10
CA ILE C 177 -8.93 -25.46 3.91
C ILE C 177 -8.40 -24.66 2.72
N ALA C 178 -8.88 -23.43 2.56
CA ALA C 178 -8.33 -22.54 1.53
C ALA C 178 -6.85 -22.29 1.77
N ASN C 186 -13.86 -15.53 -9.12
CA ASN C 186 -14.58 -15.26 -10.37
C ASN C 186 -14.87 -13.78 -10.59
N ILE C 187 -14.44 -13.26 -11.73
CA ILE C 187 -14.44 -11.82 -12.00
C ILE C 187 -15.43 -11.40 -13.09
N THR C 188 -16.08 -10.27 -12.90
CA THR C 188 -17.04 -9.73 -13.86
C THR C 188 -16.56 -8.40 -14.42
N PHE C 189 -16.65 -8.21 -15.72
CA PHE C 189 -16.32 -6.90 -16.29
C PHE C 189 -17.50 -6.29 -17.01
N GLN C 190 -17.53 -4.97 -17.02
CA GLN C 190 -18.47 -4.23 -17.85
C GLN C 190 -18.20 -4.53 -19.33
N SER C 191 -16.94 -4.36 -19.73
CA SER C 191 -16.53 -4.53 -21.12
C SER C 191 -15.97 -5.91 -21.39
N SER C 192 -15.86 -6.26 -22.67
CA SER C 192 -15.13 -7.45 -23.10
C SER C 192 -13.68 -7.05 -23.34
N PRO C 193 -12.72 -7.97 -23.07
CA PRO C 193 -11.32 -7.61 -23.25
C PRO C 193 -10.90 -7.54 -24.72
N PRO C 194 -9.96 -6.66 -25.05
CA PRO C 194 -9.51 -6.51 -26.43
C PRO C 194 -8.93 -7.80 -27.02
N THR C 195 -8.88 -7.86 -28.34
CA THR C 195 -8.35 -9.03 -29.03
C THR C 195 -6.84 -9.10 -28.84
N VAL C 196 -6.33 -10.29 -28.57
CA VAL C 196 -4.90 -10.49 -28.46
C VAL C 196 -4.23 -10.25 -29.81
N GLU C 197 -3.18 -9.42 -29.82
CA GLU C 197 -2.49 -9.02 -31.04
C GLU C 197 -1.22 -9.83 -31.34
N TRP C 198 -1.10 -10.29 -32.57
CA TRP C 198 0.12 -10.97 -33.02
C TRP C 198 0.86 -10.22 -34.11
N HIS C 199 2.16 -10.45 -34.16
CA HIS C 199 3.03 -9.81 -35.12
C HIS C 199 3.68 -10.91 -35.98
N ILE C 200 5.01 -11.02 -35.93
CA ILE C 200 5.73 -12.03 -36.70
C ILE C 200 5.61 -13.44 -36.09
N SER C 201 5.73 -13.57 -34.78
CA SER C 201 5.52 -14.87 -34.14
C SER C 201 4.04 -15.17 -34.11
N ARG C 202 3.64 -16.35 -34.57
CA ARG C 202 2.23 -16.68 -34.57
C ARG C 202 1.90 -17.55 -33.35
N PRO C 203 0.62 -17.67 -32.99
CA PRO C 203 0.24 -18.47 -31.83
C PRO C 203 0.85 -19.87 -31.83
N GLY C 204 1.50 -20.23 -30.73
CA GLY C 204 2.03 -21.57 -30.56
C GLY C 204 3.50 -21.70 -30.91
N HIS C 205 4.03 -20.73 -31.65
CA HIS C 205 5.41 -20.80 -32.10
C HIS C 205 6.35 -20.17 -31.09
N ILE C 206 6.31 -20.67 -29.87
CA ILE C 206 7.03 -20.07 -28.75
C ILE C 206 8.57 -19.99 -28.90
N GLU C 207 9.12 -20.73 -29.85
CA GLU C 207 10.57 -20.79 -30.03
C GLU C 207 11.08 -19.56 -30.78
N THR C 208 10.18 -18.94 -31.52
CA THR C 208 10.47 -17.74 -32.30
C THR C 208 10.27 -16.46 -31.51
N PHE C 209 9.53 -16.54 -30.39
CA PHE C 209 9.23 -15.39 -29.53
C PHE C 209 10.49 -14.59 -29.16
N ASP C 210 10.42 -13.28 -29.32
CA ASP C 210 11.49 -12.38 -28.91
C ASP C 210 10.98 -10.95 -28.91
N LEU C 211 11.85 -10.02 -28.53
CA LEU C 211 11.42 -8.65 -28.34
C LEU C 211 10.83 -8.04 -29.61
N LEU C 212 11.35 -8.41 -30.77
CA LEU C 212 10.93 -7.80 -32.03
C LEU C 212 9.93 -8.64 -32.82
N THR C 213 9.69 -9.87 -32.37
CA THR C 213 8.81 -10.77 -33.11
C THR C 213 7.43 -10.88 -32.49
N LEU C 214 7.31 -10.59 -31.20
CA LEU C 214 6.02 -10.44 -30.54
C LEU C 214 5.50 -9.05 -30.80
N HIS C 215 4.19 -8.88 -30.72
CA HIS C 215 3.60 -7.59 -30.98
C HIS C 215 3.83 -6.71 -29.77
N PRO C 216 4.37 -5.51 -29.98
CA PRO C 216 4.67 -4.62 -28.85
C PRO C 216 3.45 -4.30 -27.97
N ILE C 217 2.26 -4.30 -28.55
CA ILE C 217 1.06 -4.06 -27.75
C ILE C 217 0.87 -5.24 -26.82
N GLU C 218 0.99 -6.45 -27.36
CA GLU C 218 0.77 -7.66 -26.60
C GLU C 218 1.88 -7.93 -25.59
N ILE C 219 3.08 -7.40 -25.83
CA ILE C 219 4.14 -7.48 -24.84
C ILE C 219 3.75 -6.66 -23.62
N ALA C 220 3.39 -5.40 -23.84
CA ALA C 220 3.02 -4.52 -22.73
C ALA C 220 1.83 -5.06 -21.98
N ARG C 221 0.86 -5.60 -22.70
CA ARG C 221 -0.31 -6.17 -22.03
C ARG C 221 0.03 -7.36 -21.14
N GLN C 222 0.80 -8.31 -21.65
CA GLN C 222 1.06 -9.53 -20.90
C GLN C 222 2.03 -9.29 -19.77
N LEU C 223 2.87 -8.28 -19.90
CA LEU C 223 3.77 -7.93 -18.82
C LEU C 223 2.97 -7.22 -17.75
N THR C 224 2.03 -6.38 -18.17
CA THR C 224 1.14 -5.71 -17.24
C THR C 224 0.32 -6.70 -16.41
N LEU C 225 -0.27 -7.71 -17.03
CA LEU C 225 -0.98 -8.75 -16.30
C LEU C 225 -0.05 -9.46 -15.31
N LEU C 226 1.14 -9.81 -15.78
CA LEU C 226 2.12 -10.49 -14.96
C LEU C 226 2.48 -9.69 -13.71
N GLU C 227 2.80 -8.40 -13.91
CA GLU C 227 3.23 -7.53 -12.83
C GLU C 227 2.08 -7.14 -11.92
N SER C 228 0.86 -7.14 -12.45
CA SER C 228 -0.30 -6.83 -11.63
C SER C 228 -0.56 -7.99 -10.67
N ASP C 229 -0.44 -9.21 -11.18
CA ASP C 229 -0.58 -10.37 -10.33
C ASP C 229 0.47 -10.38 -9.23
N LEU C 230 1.70 -10.00 -9.56
CA LEU C 230 2.75 -10.00 -8.55
C LEU C 230 2.51 -8.89 -7.54
N TYR C 231 2.04 -7.75 -8.00
CA TYR C 231 1.74 -6.64 -7.11
C TYR C 231 0.62 -6.97 -6.13
N ARG C 232 -0.42 -7.62 -6.63
CA ARG C 232 -1.60 -7.94 -5.84
C ARG C 232 -1.36 -9.03 -4.81
N ALA C 233 -0.21 -9.68 -4.88
CA ALA C 233 0.08 -10.84 -4.06
C ALA C 233 0.82 -10.46 -2.79
N VAL C 234 1.31 -9.23 -2.75
CA VAL C 234 2.07 -8.74 -1.61
C VAL C 234 1.15 -8.37 -0.45
N GLN C 235 1.34 -9.04 0.69
CA GLN C 235 0.55 -8.87 1.91
C GLN C 235 1.23 -7.93 2.90
N PRO C 236 0.48 -7.31 3.81
CA PRO C 236 1.17 -6.38 4.71
C PRO C 236 2.15 -7.06 5.67
N SER C 237 2.04 -8.37 5.86
CA SER C 237 3.01 -9.10 6.69
C SER C 237 4.43 -9.10 6.13
N GLU C 238 4.58 -8.75 4.86
CA GLU C 238 5.88 -8.77 4.22
C GLU C 238 6.56 -7.42 4.39
N LEU C 239 5.84 -6.46 4.94
CA LEU C 239 6.29 -5.06 4.98
C LEU C 239 6.48 -4.53 6.41
N VAL C 240 5.49 -4.74 7.26
CA VAL C 240 5.55 -4.27 8.61
C VAL C 240 6.74 -4.88 9.34
N GLY C 241 7.50 -4.06 10.06
CA GLY C 241 8.68 -4.51 10.77
C GLY C 241 9.92 -4.40 9.92
N SER C 242 9.80 -3.72 8.77
CA SER C 242 10.87 -3.61 7.77
C SER C 242 11.52 -4.95 7.48
N VAL C 243 10.71 -6.00 7.39
CA VAL C 243 11.25 -7.35 7.37
C VAL C 243 11.87 -7.75 6.02
N TRP C 244 11.56 -7.02 4.97
CA TRP C 244 12.12 -7.35 3.66
C TRP C 244 13.59 -6.94 3.59
N THR C 245 14.07 -6.27 4.62
CA THR C 245 15.47 -5.83 4.68
C THR C 245 16.29 -6.60 5.68
N LYS C 246 15.66 -7.49 6.44
CA LYS C 246 16.35 -8.25 7.46
C LYS C 246 16.89 -9.57 6.94
N GLU C 247 17.63 -10.28 7.79
CA GLU C 247 18.28 -11.51 7.41
C GLU C 247 17.31 -12.57 6.95
N ASP C 248 16.11 -12.58 7.54
CA ASP C 248 15.10 -13.58 7.23
C ASP C 248 14.12 -13.13 6.15
N LYS C 249 14.53 -12.19 5.30
CA LYS C 249 13.62 -11.64 4.31
C LYS C 249 13.11 -12.64 3.27
N GLU C 250 13.81 -13.75 3.09
CA GLU C 250 13.37 -14.74 2.14
C GLU C 250 12.21 -15.57 2.70
N ILE C 251 12.12 -15.64 4.01
CA ILE C 251 11.05 -16.33 4.73
C ILE C 251 9.84 -15.41 4.86
N ASN C 252 10.11 -14.19 5.28
CA ASN C 252 9.07 -13.23 5.60
C ASN C 252 8.53 -12.41 4.45
N SER C 253 9.31 -12.23 3.38
CA SER C 253 8.87 -11.40 2.26
C SER C 253 8.97 -12.01 0.87
N PRO C 254 8.61 -13.29 0.70
CA PRO C 254 8.88 -13.88 -0.60
C PRO C 254 8.02 -13.34 -1.77
N ASN C 255 6.81 -12.85 -1.54
CA ASN C 255 6.04 -12.33 -2.65
C ASN C 255 6.47 -10.93 -3.04
N LEU C 256 6.92 -10.15 -2.07
CA LEU C 256 7.54 -8.88 -2.37
C LEU C 256 8.83 -9.07 -3.16
N LEU C 257 9.71 -9.95 -2.69
CA LEU C 257 10.95 -10.22 -3.39
C LEU C 257 10.76 -10.82 -4.80
N LYS C 258 9.71 -11.62 -5.01
CA LYS C 258 9.43 -12.12 -6.36
C LYS C 258 9.13 -10.98 -7.29
N MET C 259 8.36 -10.03 -6.80
CA MET C 259 7.99 -8.92 -7.63
C MET C 259 9.18 -8.07 -8.01
N ILE C 260 9.98 -7.72 -7.01
CA ILE C 260 11.15 -6.87 -7.25
C ILE C 260 12.13 -7.54 -8.19
N ARG C 261 12.31 -8.86 -8.06
CA ARG C 261 13.21 -9.59 -8.91
C ARG C 261 12.71 -9.75 -10.33
N HIS C 262 11.41 -9.81 -10.51
CA HIS C 262 10.89 -9.79 -11.85
C HIS C 262 11.17 -8.44 -12.50
N THR C 263 11.01 -7.36 -11.75
CA THR C 263 11.25 -6.02 -12.27
C THR C 263 12.72 -5.88 -12.69
N THR C 264 13.60 -6.47 -11.90
CA THR C 264 15.03 -6.38 -12.15
C THR C 264 15.39 -7.20 -13.39
N ASN C 265 14.79 -8.38 -13.54
CA ASN C 265 15.00 -9.19 -14.72
C ASN C 265 14.62 -8.50 -16.01
N LEU C 266 13.46 -7.85 -16.01
CA LEU C 266 12.97 -7.16 -17.19
C LEU C 266 13.91 -6.05 -17.58
N THR C 267 14.32 -5.25 -16.61
CA THR C 267 15.24 -4.14 -16.85
C THR C 267 16.51 -4.68 -17.50
N LEU C 268 17.08 -5.73 -16.93
CA LEU C 268 18.30 -6.30 -17.47
C LEU C 268 18.07 -6.94 -18.82
N TRP C 269 16.87 -7.44 -19.05
CA TRP C 269 16.56 -8.01 -20.34
C TRP C 269 16.52 -6.92 -21.42
N PHE C 270 15.96 -5.76 -21.10
CA PHE C 270 15.97 -4.63 -22.02
C PHE C 270 17.38 -4.16 -22.30
N GLU C 271 18.20 -4.03 -21.26
CA GLU C 271 19.60 -3.65 -21.44
C GLU C 271 20.30 -4.63 -22.37
N LYS C 272 20.02 -5.91 -22.19
CA LYS C 272 20.74 -6.94 -22.92
C LYS C 272 20.34 -6.95 -24.38
N CYS C 273 19.04 -6.81 -24.64
CA CYS C 273 18.53 -6.72 -26.01
C CYS C 273 19.17 -5.62 -26.81
N ILE C 274 19.36 -4.48 -26.16
CA ILE C 274 20.02 -3.33 -26.77
C ILE C 274 21.49 -3.58 -27.07
N VAL C 275 22.31 -3.78 -26.04
CA VAL C 275 23.75 -3.82 -26.24
C VAL C 275 24.27 -5.08 -26.93
N GLU C 276 23.44 -6.11 -27.02
CA GLU C 276 23.83 -7.29 -27.80
C GLU C 276 23.41 -7.16 -29.25
N THR C 277 22.80 -6.04 -29.60
CA THR C 277 22.47 -5.77 -30.99
C THR C 277 23.57 -4.85 -31.50
N GLU C 278 24.51 -5.42 -32.24
CA GLU C 278 25.76 -4.73 -32.56
C GLU C 278 25.62 -3.79 -33.77
N ASN C 279 24.86 -4.22 -34.76
CA ASN C 279 24.51 -3.38 -35.89
C ASN C 279 23.68 -2.15 -35.49
N LEU C 280 24.19 -0.96 -35.74
CA LEU C 280 23.52 0.28 -35.34
C LEU C 280 22.08 0.46 -35.84
N GLU C 281 21.83 0.14 -37.10
CA GLU C 281 20.47 0.25 -37.63
C GLU C 281 19.51 -0.71 -36.91
N GLU C 282 19.97 -1.91 -36.56
CA GLU C 282 19.09 -2.85 -35.88
C GLU C 282 18.91 -2.44 -34.43
N ARG C 283 19.92 -1.84 -33.84
CA ARG C 283 19.83 -1.44 -32.45
C ARG C 283 18.82 -0.31 -32.29
N VAL C 284 18.86 0.65 -33.21
CA VAL C 284 17.89 1.73 -33.21
C VAL C 284 16.47 1.15 -33.30
N ALA C 285 16.26 0.08 -34.05
CA ALA C 285 14.96 -0.58 -34.10
C ALA C 285 14.57 -1.17 -32.74
N VAL C 286 15.55 -1.74 -32.06
CA VAL C 286 15.32 -2.34 -30.76
C VAL C 286 15.00 -1.25 -29.74
N VAL C 287 15.80 -0.20 -29.70
CA VAL C 287 15.54 0.88 -28.75
C VAL C 287 14.19 1.52 -29.04
N SER C 288 13.87 1.68 -30.31
CA SER C 288 12.61 2.29 -30.67
C SER C 288 11.42 1.43 -30.26
N ARG C 289 11.55 0.11 -30.40
CA ARG C 289 10.47 -0.79 -29.99
C ARG C 289 10.25 -0.76 -28.49
N ILE C 290 11.34 -0.66 -27.73
CA ILE C 290 11.24 -0.63 -26.28
C ILE C 290 10.54 0.66 -25.83
N ILE C 291 10.83 1.77 -26.51
CA ILE C 291 10.11 3.00 -26.24
C ILE C 291 8.65 2.88 -26.67
N GLU C 292 8.34 2.05 -27.67
CA GLU C 292 6.93 1.88 -28.05
C GLU C 292 6.16 1.09 -26.99
N ILE C 293 6.83 0.11 -26.38
CA ILE C 293 6.27 -0.66 -25.29
C ILE C 293 6.02 0.24 -24.07
N LEU C 294 6.93 1.19 -23.85
CA LEU C 294 6.77 2.17 -22.79
C LEU C 294 5.50 2.98 -22.93
N GLN C 295 5.15 3.27 -24.16
CA GLN C 295 4.01 4.09 -24.49
C GLN C 295 2.73 3.38 -24.11
N VAL C 296 2.69 2.08 -24.39
CA VAL C 296 1.54 1.26 -24.00
C VAL C 296 1.46 1.06 -22.48
N PHE C 297 2.61 1.05 -21.80
CA PHE C 297 2.64 1.03 -20.34
C PHE C 297 1.98 2.27 -19.78
N GLN C 298 2.31 3.44 -20.32
CA GLN C 298 1.67 4.68 -19.91
C GLN C 298 0.17 4.58 -20.08
N GLU C 299 -0.24 4.01 -21.20
CA GLU C 299 -1.65 3.83 -21.54
C GLU C 299 -2.39 2.98 -20.51
N LEU C 300 -1.74 1.89 -20.07
CA LEU C 300 -2.35 0.91 -19.19
C LEU C 300 -2.14 1.25 -17.72
N ASN C 301 -1.49 2.37 -17.45
CA ASN C 301 -1.15 2.79 -16.10
C ASN C 301 -0.22 1.83 -15.36
N ASN C 302 0.64 1.15 -16.08
CA ASN C 302 1.62 0.28 -15.46
C ASN C 302 2.90 1.09 -15.18
N PHE C 303 2.95 1.74 -14.02
CA PHE C 303 4.07 2.59 -13.67
C PHE C 303 5.30 1.79 -13.31
N ASN C 304 5.10 0.53 -12.99
CA ASN C 304 6.20 -0.33 -12.70
C ASN C 304 6.93 -0.67 -13.99
N GLY C 305 6.17 -0.88 -15.05
CA GLY C 305 6.72 -1.12 -16.37
C GLY C 305 7.40 0.12 -16.93
N VAL C 306 6.78 1.28 -16.76
CA VAL C 306 7.41 2.52 -17.19
C VAL C 306 8.78 2.64 -16.56
N LEU C 307 8.89 2.42 -15.26
CA LEU C 307 10.19 2.61 -14.61
C LEU C 307 11.19 1.49 -14.93
N GLU C 308 10.72 0.28 -15.23
CA GLU C 308 11.61 -0.73 -15.78
C GLU C 308 12.29 -0.22 -17.04
N VAL C 309 11.51 0.34 -17.96
CA VAL C 309 12.08 0.82 -19.22
C VAL C 309 13.02 1.98 -18.96
N VAL C 310 12.60 2.96 -18.16
CA VAL C 310 13.44 4.11 -17.85
C VAL C 310 14.73 3.70 -17.13
N SER C 311 14.65 2.72 -16.26
CA SER C 311 15.86 2.24 -15.59
C SER C 311 16.85 1.60 -16.57
N ALA C 312 16.34 0.96 -17.61
CA ALA C 312 17.18 0.38 -18.63
C ALA C 312 17.86 1.47 -19.45
N MET C 313 17.11 2.50 -19.85
CA MET C 313 17.67 3.61 -20.63
C MET C 313 18.73 4.38 -19.87
N ASN C 314 18.58 4.48 -18.56
CA ASN C 314 19.49 5.23 -17.72
C ASN C 314 20.63 4.40 -17.19
N SER C 315 20.66 3.12 -17.51
CA SER C 315 21.73 2.29 -17.00
C SER C 315 23.03 2.66 -17.68
N SER C 316 24.16 2.23 -17.13
CA SER C 316 25.44 2.59 -17.68
C SER C 316 25.69 2.06 -19.08
N PRO C 317 25.42 0.77 -19.34
CA PRO C 317 25.69 0.30 -20.71
C PRO C 317 24.92 1.05 -21.77
N VAL C 318 23.71 1.50 -21.46
CA VAL C 318 22.83 2.05 -22.48
C VAL C 318 22.87 3.57 -22.60
N TYR C 319 22.94 4.27 -21.47
CA TYR C 319 22.88 5.73 -21.46
C TYR C 319 23.95 6.38 -22.30
N ARG C 320 25.07 5.70 -22.48
CA ARG C 320 26.22 6.27 -23.19
C ARG C 320 26.20 6.09 -24.72
N LEU C 321 25.20 5.38 -25.23
CA LEU C 321 25.12 5.07 -26.65
C LEU C 321 24.58 6.23 -27.47
N ASP C 322 25.30 7.35 -27.48
CA ASP C 322 24.88 8.57 -28.17
C ASP C 322 24.52 8.38 -29.64
N HIS C 323 25.27 7.55 -30.35
CA HIS C 323 25.00 7.32 -31.76
C HIS C 323 23.62 6.68 -31.98
N THR C 324 23.20 5.83 -31.06
CA THR C 324 21.92 5.16 -31.19
C THR C 324 20.76 6.12 -30.95
N PHE C 325 20.84 6.91 -29.88
CA PHE C 325 19.77 7.82 -29.52
C PHE C 325 19.69 9.02 -30.44
N GLU C 326 20.74 9.28 -31.22
CA GLU C 326 20.69 10.38 -32.17
C GLU C 326 19.70 10.06 -33.27
N GLN C 327 19.55 8.79 -33.58
CA GLN C 327 18.71 8.37 -34.70
C GLN C 327 17.30 7.95 -34.33
N ILE C 328 16.92 8.16 -33.07
CA ILE C 328 15.58 7.87 -32.60
C ILE C 328 14.61 8.96 -33.07
N PRO C 329 13.47 8.57 -33.64
CA PRO C 329 12.40 9.49 -34.07
C PRO C 329 12.12 10.56 -33.03
N SER C 330 11.97 11.81 -33.45
CA SER C 330 11.78 12.92 -32.52
C SER C 330 10.64 12.68 -31.52
N ARG C 331 9.53 12.12 -31.98
CA ARG C 331 8.37 11.92 -31.13
C ARG C 331 8.65 10.97 -29.98
N GLN C 332 9.69 10.15 -30.12
CA GLN C 332 9.99 9.15 -29.10
C GLN C 332 11.01 9.62 -28.09
N LYS C 333 11.80 10.61 -28.46
CA LYS C 333 12.63 11.28 -27.48
C LYS C 333 11.69 11.97 -26.50
N LYS C 334 10.57 12.46 -27.01
CA LYS C 334 9.61 13.17 -26.16
C LYS C 334 8.93 12.20 -25.18
N ILE C 335 8.52 11.03 -25.67
CA ILE C 335 7.91 10.02 -24.82
C ILE C 335 8.85 9.54 -23.72
N LEU C 336 10.09 9.25 -24.07
CA LEU C 336 11.08 8.84 -23.09
C LEU C 336 11.44 9.97 -22.12
N GLU C 337 11.48 11.20 -22.60
CA GLU C 337 11.83 12.33 -21.73
C GLU C 337 10.72 12.63 -20.71
N GLU C 338 9.46 12.59 -21.13
CA GLU C 338 8.32 12.67 -20.21
C GLU C 338 8.35 11.58 -19.15
N ALA C 339 8.53 10.33 -19.58
CA ALA C 339 8.60 9.20 -18.65
C ALA C 339 9.73 9.35 -17.64
N HIS C 340 10.88 9.85 -18.08
CA HIS C 340 11.98 10.09 -17.17
C HIS C 340 11.67 11.21 -16.17
N GLU C 341 10.90 12.21 -16.57
CA GLU C 341 10.59 13.31 -15.67
C GLU C 341 9.68 12.90 -14.50
N LEU C 342 9.01 11.76 -14.65
CA LEU C 342 8.23 11.17 -13.57
C LEU C 342 9.05 10.91 -12.31
N SER C 343 10.36 10.71 -12.49
CA SER C 343 11.19 10.30 -11.37
C SER C 343 11.98 11.45 -10.76
N GLU C 344 12.05 12.56 -11.48
CA GLU C 344 12.78 13.71 -10.97
C GLU C 344 12.13 14.29 -9.72
N ASP C 345 12.93 15.00 -8.92
CA ASP C 345 12.46 15.71 -7.73
C ASP C 345 11.75 14.77 -6.76
N HIS C 346 12.38 13.63 -6.53
CA HIS C 346 11.86 12.62 -5.61
C HIS C 346 10.47 12.14 -6.01
N TYR C 347 10.29 11.90 -7.30
CA TYR C 347 9.11 11.29 -7.84
C TYR C 347 7.89 12.20 -7.70
N LYS C 348 8.13 13.50 -7.70
CA LYS C 348 7.06 14.50 -7.63
C LYS C 348 5.93 14.28 -8.65
N LYS C 349 6.25 14.24 -9.93
CA LYS C 349 5.24 14.09 -10.95
C LYS C 349 4.61 12.70 -11.00
N TYR C 350 5.37 11.68 -10.61
CA TYR C 350 4.81 10.33 -10.54
C TYR C 350 3.71 10.24 -9.49
N LEU C 351 4.01 10.70 -8.28
CA LEU C 351 3.02 10.68 -7.20
C LEU C 351 1.77 11.41 -7.61
N ALA C 352 1.92 12.53 -8.28
CA ALA C 352 0.78 13.30 -8.76
C ALA C 352 -0.02 12.52 -9.80
N LYS C 353 0.67 11.92 -10.76
CA LYS C 353 0.01 11.14 -11.81
C LYS C 353 -0.72 9.96 -11.21
N LEU C 354 -0.08 9.25 -10.29
CA LEU C 354 -0.70 8.10 -9.64
C LEU C 354 -2.00 8.49 -8.92
N ARG C 355 -1.95 9.56 -8.15
CA ARG C 355 -3.12 10.04 -7.42
C ARG C 355 -4.17 10.69 -8.33
N SER C 356 -3.99 10.64 -9.63
CA SER C 356 -4.98 11.24 -10.52
C SER C 356 -5.56 10.29 -11.58
N ILE C 357 -4.95 9.13 -11.76
CA ILE C 357 -5.44 8.22 -12.78
C ILE C 357 -6.65 7.43 -12.32
N ASN C 358 -7.29 6.78 -13.26
CA ASN C 358 -8.38 5.90 -12.99
C ASN C 358 -7.85 4.47 -13.08
N PRO C 359 -7.80 3.77 -11.93
CA PRO C 359 -7.31 2.39 -11.88
C PRO C 359 -8.13 1.48 -12.79
N PRO C 360 -7.66 0.25 -13.05
CA PRO C 360 -6.47 -0.45 -12.55
C PRO C 360 -5.14 0.18 -12.94
N CYS C 361 -4.19 0.08 -12.04
CA CYS C 361 -2.81 0.45 -12.33
C CYS C 361 -1.87 -0.52 -11.65
N VAL C 362 -0.58 -0.40 -11.95
CA VAL C 362 0.42 -1.08 -11.17
C VAL C 362 1.39 -0.04 -10.64
N PRO C 363 1.31 0.26 -9.35
CA PRO C 363 2.21 1.31 -8.85
C PRO C 363 3.67 0.86 -8.89
N PHE C 364 4.57 1.78 -8.63
CA PHE C 364 5.96 1.43 -8.44
C PHE C 364 6.23 1.19 -6.95
N PHE C 365 6.63 -0.02 -6.61
CA PHE C 365 6.64 -0.37 -5.20
C PHE C 365 7.74 0.28 -4.38
N GLY C 366 8.81 0.69 -5.04
CA GLY C 366 9.98 1.17 -4.33
C GLY C 366 9.75 2.36 -3.43
N ILE C 367 8.86 3.25 -3.83
CA ILE C 367 8.59 4.45 -3.05
C ILE C 367 7.97 4.08 -1.71
N TYR C 368 6.99 3.19 -1.74
CA TYR C 368 6.37 2.71 -0.53
C TYR C 368 7.37 2.06 0.42
N LEU C 369 8.31 1.32 -0.14
CA LEU C 369 9.32 0.64 0.67
C LEU C 369 10.18 1.62 1.45
N THR C 370 10.64 2.66 0.79
CA THR C 370 11.43 3.67 1.45
C THR C 370 10.62 4.42 2.51
N ASN C 371 9.35 4.71 2.23
CA ASN C 371 8.53 5.42 3.18
C ASN C 371 8.20 4.61 4.42
N ILE C 372 7.89 3.32 4.26
CA ILE C 372 7.66 2.46 5.41
C ILE C 372 8.92 2.35 6.26
N LEU C 373 10.05 2.11 5.62
N LEU C 373 10.06 2.11 5.64
CA LEU C 373 11.31 1.90 6.34
CA LEU C 373 11.29 1.90 6.39
C LEU C 373 11.73 3.13 7.13
C LEU C 373 11.72 3.13 7.15
N LYS C 374 11.68 4.29 6.48
CA LYS C 374 12.06 5.52 7.14
C LYS C 374 11.09 5.89 8.28
N THR C 375 9.81 5.59 8.12
CA THR C 375 8.86 5.79 9.20
C THR C 375 9.16 4.91 10.41
N GLU C 376 9.59 3.68 10.18
CA GLU C 376 9.90 2.80 11.30
C GLU C 376 11.21 3.16 11.98
N GLU C 377 12.19 3.68 11.24
CA GLU C 377 13.47 4.06 11.84
C GLU C 377 13.47 5.47 12.41
N GLY C 378 12.48 6.26 11.99
CA GLY C 378 12.50 7.67 12.29
C GLY C 378 11.69 8.04 13.50
N ASN C 379 10.96 7.07 14.03
CA ASN C 379 10.03 7.30 15.12
C ASN C 379 10.24 6.31 16.24
N PRO C 380 10.17 6.80 17.48
CA PRO C 380 10.38 5.94 18.66
C PRO C 380 9.21 4.99 18.85
N GLU C 381 9.47 3.78 19.34
CA GLU C 381 8.38 2.84 19.46
C GLU C 381 7.57 3.10 20.74
N VAL C 382 8.18 3.69 21.76
CA VAL C 382 7.41 4.16 22.92
C VAL C 382 7.60 5.66 23.20
N LEU C 383 6.60 6.27 23.84
CA LEU C 383 6.72 7.61 24.40
C LEU C 383 6.75 7.58 25.91
N LYS C 384 7.68 8.30 26.53
CA LYS C 384 7.73 8.34 27.98
C LYS C 384 6.98 9.55 28.50
N ARG C 385 6.01 9.31 29.36
CA ARG C 385 5.20 10.36 29.93
C ARG C 385 4.89 10.01 31.37
N HIS C 386 5.28 10.89 32.30
CA HIS C 386 4.98 10.69 33.72
C HIS C 386 5.55 9.37 34.22
N GLY C 387 6.79 9.09 33.83
CA GLY C 387 7.46 7.86 34.25
C GLY C 387 6.80 6.58 33.74
N LYS C 388 5.92 6.72 32.75
CA LYS C 388 5.26 5.57 32.11
C LYS C 388 5.72 5.43 30.68
N GLU C 389 5.73 4.20 30.16
CA GLU C 389 6.07 3.96 28.77
C GLU C 389 4.84 3.68 27.93
N LEU C 390 4.34 4.69 27.24
CA LEU C 390 3.18 4.53 26.39
C LEU C 390 3.60 4.04 25.01
N ILE C 391 2.74 3.23 24.39
N ILE C 391 2.77 3.22 24.39
CA ILE C 391 2.95 2.76 23.02
CA ILE C 391 3.00 2.78 23.04
C ILE C 391 2.70 3.90 22.05
C ILE C 391 2.73 3.92 22.09
N ASN C 392 3.70 4.24 21.24
CA ASN C 392 3.56 5.33 20.28
C ASN C 392 2.71 4.90 19.11
N PHE C 393 1.43 5.18 19.18
CA PHE C 393 0.53 4.65 18.17
C PHE C 393 0.44 5.50 16.91
N SER C 394 0.90 6.75 16.97
CA SER C 394 0.81 7.59 15.79
C SER C 394 1.84 7.11 14.75
N LYS C 395 2.87 6.41 15.21
CA LYS C 395 3.87 5.82 14.32
C LYS C 395 3.29 4.65 13.56
N ARG C 396 2.44 3.88 14.24
CA ARG C 396 1.81 2.73 13.64
C ARG C 396 0.71 3.14 12.68
N ARG C 397 0.10 4.29 12.93
CA ARG C 397 -0.91 4.79 12.03
C ARG C 397 -0.29 5.28 10.73
N LYS C 398 0.89 5.91 10.83
CA LYS C 398 1.64 6.33 9.64
C LYS C 398 2.00 5.15 8.74
N VAL C 399 2.51 4.08 9.32
CA VAL C 399 2.82 2.87 8.56
C VAL C 399 1.58 2.22 7.92
N ALA C 400 0.47 2.18 8.65
CA ALA C 400 -0.76 1.58 8.14
C ALA C 400 -1.45 2.46 7.12
N GLU C 401 -1.11 3.74 7.13
CA GLU C 401 -1.57 4.67 6.10
C GLU C 401 -0.96 4.25 4.78
N ILE C 402 0.33 3.95 4.82
CA ILE C 402 1.05 3.52 3.63
C ILE C 402 0.55 2.17 3.12
N THR C 403 0.45 1.17 4.00
CA THR C 403 -0.06 -0.13 3.57
C THR C 403 -1.50 -0.06 3.09
N GLY C 404 -2.25 0.92 3.55
CA GLY C 404 -3.62 1.08 3.09
C GLY C 404 -3.67 1.63 1.68
N GLU C 405 -2.73 2.51 1.34
CA GLU C 405 -2.62 3.02 -0.01
C GLU C 405 -2.26 1.88 -0.94
N ILE C 406 -1.31 1.05 -0.53
CA ILE C 406 -0.93 -0.12 -1.30
C ILE C 406 -2.13 -1.01 -1.60
N GLN C 407 -2.92 -1.32 -0.58
CA GLN C 407 -4.01 -2.26 -0.71
C GLN C 407 -5.12 -1.71 -1.58
N GLN C 408 -5.24 -0.41 -1.60
CA GLN C 408 -6.26 0.21 -2.40
C GLN C 408 -5.99 -0.05 -3.90
N TYR C 409 -4.74 0.00 -4.35
CA TYR C 409 -4.45 -0.29 -5.75
C TYR C 409 -4.40 -1.79 -6.06
N GLN C 410 -4.71 -2.64 -5.09
CA GLN C 410 -4.71 -4.09 -5.33
C GLN C 410 -6.09 -4.63 -5.57
N ASN C 411 -7.12 -3.79 -5.56
CA ASN C 411 -8.48 -4.29 -5.71
C ASN C 411 -8.93 -4.47 -7.16
N GLN C 412 -8.55 -3.54 -8.04
CA GLN C 412 -9.05 -3.48 -9.41
C GLN C 412 -8.27 -4.37 -10.38
N PRO C 413 -8.90 -5.42 -10.90
CA PRO C 413 -8.30 -6.26 -11.93
C PRO C 413 -8.28 -5.64 -13.34
N TYR C 414 -7.31 -6.02 -14.14
CA TYR C 414 -7.23 -5.59 -15.54
C TYR C 414 -8.17 -6.38 -16.43
N CYS C 415 -8.79 -5.68 -17.37
CA CYS C 415 -9.63 -6.33 -18.36
C CYS C 415 -8.79 -6.70 -19.60
N LEU C 416 -7.92 -7.70 -19.44
CA LEU C 416 -7.03 -8.16 -20.52
C LEU C 416 -6.99 -9.67 -20.55
N ARG C 417 -6.97 -10.26 -21.73
CA ARG C 417 -6.83 -11.72 -21.82
C ARG C 417 -5.40 -12.11 -21.55
N VAL C 418 -5.22 -13.15 -20.76
CA VAL C 418 -3.92 -13.78 -20.65
C VAL C 418 -3.67 -14.59 -21.90
N GLU C 419 -2.46 -14.54 -22.43
CA GLU C 419 -2.01 -15.50 -23.44
C GLU C 419 -0.93 -16.36 -22.78
N SER C 420 -1.27 -17.60 -22.47
CA SER C 420 -0.42 -18.49 -21.66
C SER C 420 1.03 -18.58 -22.11
N ASP C 421 1.22 -18.68 -23.41
CA ASP C 421 2.54 -18.88 -23.98
C ASP C 421 3.42 -17.65 -23.84
N ILE C 422 2.85 -16.48 -24.05
CA ILE C 422 3.62 -15.26 -23.87
C ILE C 422 3.84 -15.02 -22.37
N LYS C 423 2.90 -15.41 -21.55
CA LYS C 423 3.11 -15.36 -20.11
C LYS C 423 4.26 -16.28 -19.70
N ARG C 424 4.25 -17.52 -20.17
CA ARG C 424 5.28 -18.48 -19.79
C ARG C 424 6.67 -18.02 -20.24
N PHE C 425 6.74 -17.48 -21.46
CA PHE C 425 7.96 -16.91 -21.99
C PHE C 425 8.56 -15.84 -21.08
N PHE C 426 7.71 -14.96 -20.55
CA PHE C 426 8.21 -13.87 -19.74
C PHE C 426 8.52 -14.31 -18.31
N GLU C 427 7.78 -15.30 -17.81
CA GLU C 427 8.07 -15.83 -16.49
C GLU C 427 9.45 -16.51 -16.47
N ASN C 428 9.83 -17.09 -17.59
CA ASN C 428 11.06 -17.88 -17.69
C ASN C 428 12.27 -17.10 -18.19
N LEU C 429 12.10 -15.81 -18.42
CA LEU C 429 13.18 -14.94 -18.85
C LEU C 429 14.34 -15.02 -17.88
N ASN C 430 15.55 -15.13 -18.42
CA ASN C 430 16.71 -15.25 -17.56
C ASN C 430 17.96 -14.62 -18.17
N PRO C 431 18.02 -13.28 -18.22
CA PRO C 431 19.11 -12.61 -18.92
C PRO C 431 20.49 -12.95 -18.38
N MET C 432 20.62 -13.14 -17.07
CA MET C 432 21.93 -13.33 -16.44
C MET C 432 22.43 -14.76 -16.61
N GLY C 433 21.51 -15.70 -16.81
CA GLY C 433 21.85 -17.11 -16.88
C GLY C 433 22.49 -17.64 -15.60
N ASN C 434 23.72 -18.11 -15.72
CA ASN C 434 24.44 -18.72 -14.60
C ASN C 434 25.45 -17.76 -13.99
N SER C 435 25.47 -16.54 -14.49
CA SER C 435 26.48 -15.57 -14.10
C SER C 435 26.03 -14.79 -12.88
N MET C 436 26.97 -14.28 -12.13
CA MET C 436 26.63 -13.44 -10.99
C MET C 436 26.39 -12.05 -11.51
N GLU C 437 25.71 -11.23 -10.71
CA GLU C 437 25.36 -9.85 -11.06
C GLU C 437 26.57 -9.01 -11.47
N LYS C 438 27.68 -9.12 -10.76
CA LYS C 438 28.85 -8.31 -11.08
C LYS C 438 29.45 -8.75 -12.42
N GLU C 439 29.56 -10.05 -12.68
CA GLU C 439 30.05 -10.51 -13.98
C GLU C 439 29.15 -10.05 -15.13
N PHE C 440 27.85 -10.15 -14.93
CA PHE C 440 26.89 -9.87 -15.99
C PHE C 440 26.81 -8.39 -16.28
N THR C 441 26.89 -7.59 -15.24
CA THR C 441 26.94 -6.15 -15.34
C THR C 441 28.21 -5.67 -16.07
N ASP C 442 29.31 -6.39 -15.91
CA ASP C 442 30.55 -6.04 -16.61
C ASP C 442 30.46 -6.44 -18.07
N TYR C 443 29.84 -7.59 -18.33
CA TYR C 443 29.59 -8.03 -19.68
C TYR C 443 28.78 -7.02 -20.47
N LEU C 444 27.70 -6.51 -19.88
CA LEU C 444 26.86 -5.54 -20.57
C LEU C 444 27.66 -4.29 -20.86
N PHE C 445 28.43 -3.83 -19.89
CA PHE C 445 29.19 -2.61 -20.11
C PHE C 445 30.32 -2.77 -21.17
N ASN C 446 30.89 -3.96 -21.26
CA ASN C 446 31.94 -4.18 -22.26
C ASN C 446 31.34 -4.21 -23.63
N LYS C 447 30.23 -4.94 -23.77
CA LYS C 447 29.50 -4.93 -25.04
C LYS C 447 29.23 -3.50 -25.46
N SER C 448 28.85 -2.65 -24.52
CA SER C 448 28.60 -1.25 -24.82
C SER C 448 29.82 -0.54 -25.37
N LEU C 449 31.01 -0.90 -24.90
CA LEU C 449 32.25 -0.25 -25.34
C LEU C 449 32.76 -0.83 -26.65
N GLU C 450 32.42 -2.08 -26.91
CA GLU C 450 32.74 -2.72 -28.16
C GLU C 450 31.90 -2.13 -29.30
N ILE C 451 30.60 -1.94 -29.07
CA ILE C 451 29.73 -1.48 -30.14
C ILE C 451 29.63 0.04 -30.31
N GLU C 452 30.09 0.80 -29.33
CA GLU C 452 30.19 2.27 -29.46
C GLU C 452 31.33 2.79 -28.63
N PRO C 453 32.56 2.61 -29.10
CA PRO C 453 33.78 2.88 -28.35
C PRO C 453 33.86 4.31 -27.80
N ARG C 454 34.70 4.51 -26.80
CA ARG C 454 34.93 5.85 -26.26
C ARG C 454 35.54 6.73 -27.32
N ASN C 455 35.30 8.03 -27.26
CA ASN C 455 36.01 8.95 -28.14
C ASN C 455 37.51 8.95 -27.83
N PRO C 456 38.36 9.09 -28.86
CA PRO C 456 38.03 9.37 -30.25
C PRO C 456 38.05 8.15 -31.17
N LYS C 457 38.15 6.95 -30.61
CA LYS C 457 38.14 5.71 -31.39
C LYS C 457 36.94 5.67 -32.34
N PRO C 458 37.17 5.28 -33.60
CA PRO C 458 36.15 5.27 -34.66
C PRO C 458 35.02 4.24 -34.46
N LEU C 459 33.84 4.57 -34.98
CA LEU C 459 32.66 3.73 -34.82
C LEU C 459 32.64 2.55 -35.79
N PRO C 460 32.85 1.32 -35.28
CA PRO C 460 32.90 0.14 -36.16
C PRO C 460 31.56 -0.21 -36.79
N ARG C 461 31.59 -1.12 -37.76
CA ARG C 461 30.41 -1.67 -38.40
C ARG C 461 30.22 -3.12 -37.96
N PHE C 462 28.97 -3.59 -37.94
CA PHE C 462 28.69 -4.98 -37.57
C PHE C 462 27.60 -5.52 -38.47
N PRO C 463 27.64 -6.81 -38.77
CA PRO C 463 26.60 -7.47 -39.54
C PRO C 463 25.27 -7.60 -38.78
N LYS C 464 24.18 -7.71 -39.53
CA LYS C 464 22.85 -7.89 -38.97
C LYS C 464 22.68 -9.27 -38.38
N LYS C 465 21.87 -9.37 -37.32
CA LYS C 465 21.57 -10.68 -36.73
C LYS C 465 20.12 -11.10 -36.96
N TYR C 466 19.24 -10.13 -37.21
CA TYR C 466 17.82 -10.43 -37.38
C TYR C 466 17.42 -10.58 -38.85
N SER C 467 16.84 -11.73 -39.18
CA SER C 467 16.46 -12.06 -40.55
C SER C 467 15.10 -11.48 -40.96
N TYR C 468 14.24 -11.27 -39.96
CA TYR C 468 12.87 -10.83 -40.19
C TYR C 468 12.77 -9.31 -40.30
N PRO C 469 11.60 -8.80 -40.71
CA PRO C 469 11.48 -7.35 -40.85
C PRO C 469 11.51 -6.60 -39.53
N LEU C 470 12.19 -5.45 -39.51
CA LEU C 470 12.34 -4.63 -38.32
C LEU C 470 11.30 -3.52 -38.18
N LYS C 471 10.36 -3.45 -39.12
CA LYS C 471 9.39 -2.37 -39.07
C LYS C 471 8.41 -2.62 -37.95
N SER C 472 8.25 -1.65 -37.07
CA SER C 472 7.29 -1.76 -35.98
C SER C 472 5.85 -1.82 -36.50
N PRO C 473 5.03 -2.70 -35.94
CA PRO C 473 3.65 -2.71 -36.39
C PRO C 473 2.82 -1.60 -35.74
N GLY C 474 3.44 -0.83 -34.84
CA GLY C 474 2.76 0.28 -34.20
C GLY C 474 2.04 -0.07 -32.90
N VAL C 475 1.64 0.95 -32.16
CA VAL C 475 1.04 0.73 -30.85
C VAL C 475 -0.42 1.16 -30.79
N ARG C 476 -1.07 1.30 -31.93
CA ARG C 476 -2.52 1.48 -31.97
C ARG C 476 -3.21 0.14 -32.22
N PRO C 477 -4.16 -0.22 -31.36
CA PRO C 477 -4.78 -1.54 -31.50
C PRO C 477 -5.67 -1.68 -32.74
N SER C 478 -5.74 -2.90 -33.25
CA SER C 478 -6.61 -3.22 -34.36
C SER C 478 -7.89 -3.82 -33.82
N ASN C 479 -8.85 -4.08 -34.69
CA ASN C 479 -10.10 -4.68 -34.27
C ASN C 479 -10.92 -5.22 -35.46
N PRO C 480 -10.67 -6.49 -35.81
CA PRO C 480 -11.54 -7.24 -36.73
C PRO C 480 -12.92 -7.52 -36.11
N ARG C 481 -13.83 -8.09 -36.88
CA ARG C 481 -15.22 -8.23 -36.43
C ARG C 481 -15.40 -9.33 -35.39
#